data_2K0C
#
_entry.id   2K0C
#
_cell.length_a   1.000
_cell.length_b   1.000
_cell.length_c   1.000
_cell.angle_alpha   90.00
_cell.angle_beta   90.00
_cell.angle_gamma   90.00
#
_symmetry.space_group_name_H-M   'P 1'
#
loop_
_entity.id
_entity.type
_entity.pdbx_description
1 polymer 'Nuclear pore complex protein Nup153'
2 non-polymer 'ZINC ION'
#
_entity_poly.entity_id   1
_entity_poly.type   'polypeptide(L)'
_entity_poly.pdbx_seq_one_letter_code
;SDKPASTSGTGFGDKFKPAIGTWDCDTCLVQNKPEAVKCVACETPKPGTGVKR
;
_entity_poly.pdbx_strand_id   A
#
loop_
_chem_comp.id
_chem_comp.type
_chem_comp.name
_chem_comp.formula
ZN non-polymer 'ZINC ION' 'Zn 2'
#
# COMPACT_ATOMS: atom_id res chain seq x y z
N ALA A 19 11.51 4.48 7.97
CA ALA A 19 10.34 4.42 7.05
C ALA A 19 9.06 4.84 7.78
N ILE A 20 8.21 5.59 7.13
CA ILE A 20 6.95 6.03 7.79
C ILE A 20 6.06 4.82 8.11
N GLY A 21 5.95 3.90 7.21
CA GLY A 21 5.10 2.70 7.46
C GLY A 21 3.72 2.88 6.82
N THR A 22 3.48 4.00 6.19
CA THR A 22 2.14 4.22 5.55
C THR A 22 2.33 4.63 4.09
N TRP A 23 1.39 4.30 3.24
CA TRP A 23 1.53 4.68 1.81
C TRP A 23 0.16 4.93 1.19
N ASP A 24 0.11 5.68 0.11
CA ASP A 24 -1.21 5.94 -0.55
C ASP A 24 -1.18 5.42 -1.99
N CYS A 25 -2.25 4.85 -2.44
CA CYS A 25 -2.28 4.33 -3.84
C CYS A 25 -2.72 5.45 -4.79
N ASP A 26 -1.85 5.85 -5.69
CA ASP A 26 -2.23 6.95 -6.64
C ASP A 26 -2.76 6.39 -7.95
N THR A 27 -2.73 5.08 -8.12
CA THR A 27 -3.26 4.49 -9.38
C THR A 27 -4.78 4.67 -9.44
N CYS A 28 -5.42 4.66 -8.30
CA CYS A 28 -6.90 4.82 -8.29
C CYS A 28 -7.35 5.80 -7.20
N LEU A 29 -6.46 6.65 -6.75
CA LEU A 29 -6.82 7.66 -5.70
C LEU A 29 -7.34 7.00 -4.41
N VAL A 30 -6.66 6.00 -3.94
CA VAL A 30 -7.08 5.32 -2.68
C VAL A 30 -5.92 5.25 -1.69
N GLN A 31 -6.16 5.55 -0.45
CA GLN A 31 -5.04 5.51 0.55
C GLN A 31 -5.07 4.18 1.32
N ASN A 32 -3.92 3.67 1.68
CA ASN A 32 -3.89 2.38 2.44
C ASN A 32 -3.08 2.55 3.73
N LYS A 33 -3.52 1.94 4.79
CA LYS A 33 -2.77 2.07 6.07
C LYS A 33 -1.74 0.94 6.18
N PRO A 34 -0.89 1.05 7.17
CA PRO A 34 0.16 0.03 7.38
C PRO A 34 -0.47 -1.37 7.49
N GLU A 35 -1.64 -1.46 8.05
CA GLU A 35 -2.30 -2.79 8.17
C GLU A 35 -2.67 -3.33 6.79
N ALA A 36 -3.07 -2.47 5.90
CA ALA A 36 -3.46 -2.92 4.54
C ALA A 36 -2.36 -3.79 3.92
N VAL A 37 -2.56 -4.24 2.72
CA VAL A 37 -1.54 -5.09 2.04
C VAL A 37 -1.75 -4.94 0.54
N LYS A 38 -2.96 -5.06 0.12
CA LYS A 38 -3.27 -4.89 -1.32
C LYS A 38 -4.55 -4.05 -1.44
N CYS A 39 -4.46 -2.92 -2.08
CA CYS A 39 -5.63 -2.01 -2.21
C CYS A 39 -6.90 -2.78 -2.60
N VAL A 40 -8.02 -2.42 -2.03
CA VAL A 40 -9.29 -3.14 -2.34
C VAL A 40 -9.73 -2.92 -3.79
N ALA A 41 -9.66 -1.71 -4.26
CA ALA A 41 -10.12 -1.41 -5.66
C ALA A 41 -9.24 -2.10 -6.72
N CYS A 42 -7.96 -2.15 -6.52
CA CYS A 42 -7.08 -2.79 -7.55
C CYS A 42 -5.96 -3.62 -6.93
N GLU A 43 -6.04 -3.89 -5.65
CA GLU A 43 -5.00 -4.71 -4.96
C GLU A 43 -3.59 -4.35 -5.45
N THR A 44 -3.05 -3.25 -4.98
CA THR A 44 -1.68 -2.87 -5.44
C THR A 44 -0.65 -3.82 -4.84
N PRO A 45 0.42 -4.02 -5.56
CA PRO A 45 1.51 -4.92 -5.10
C PRO A 45 2.05 -4.44 -3.75
N LYS A 46 1.89 -3.18 -3.46
CA LYS A 46 2.42 -2.63 -2.18
C LYS A 46 3.94 -2.77 -2.13
N PRO A 47 4.58 -2.03 -3.00
CA PRO A 47 6.07 -2.07 -3.08
C PRO A 47 6.68 -1.60 -1.77
N GLY A 48 7.79 -2.18 -1.38
CA GLY A 48 8.44 -1.75 -0.10
C GLY A 48 9.50 -0.70 -0.40
N THR A 49 9.20 0.55 -0.13
CA THR A 49 10.18 1.64 -0.41
C THR A 49 10.48 2.41 0.88
N GLY A 50 11.73 2.59 1.20
CA GLY A 50 12.09 3.33 2.45
C GLY A 50 11.62 4.78 2.32
N VAL A 51 11.77 5.38 1.17
CA VAL A 51 11.34 6.79 1.00
C VAL A 51 10.33 6.91 -0.15
N LYS A 52 9.22 7.57 0.08
CA LYS A 52 8.21 7.71 -1.01
C LYS A 52 8.79 8.52 -2.17
N ARG A 53 9.50 9.58 -1.88
CA ARG A 53 10.10 10.41 -2.97
C ARG A 53 11.39 9.77 -3.47
ZN ZN B . -5.54 1.22 -5.55
N ALA A 19 12.26 5.99 7.42
CA ALA A 19 11.09 6.65 6.78
C ALA A 19 9.81 5.83 7.01
N ILE A 20 9.05 6.15 8.02
CA ILE A 20 7.81 5.38 8.30
C ILE A 20 6.58 6.28 8.23
N GLY A 21 5.59 5.89 7.49
CA GLY A 21 4.35 6.73 7.38
C GLY A 21 3.30 5.96 6.57
N THR A 22 2.12 6.51 6.47
CA THR A 22 1.05 5.81 5.69
C THR A 22 1.27 6.02 4.19
N TRP A 23 0.60 5.26 3.37
CA TRP A 23 0.76 5.43 1.90
C TRP A 23 -0.58 5.26 1.19
N ASP A 24 -0.74 5.87 0.05
CA ASP A 24 -2.02 5.75 -0.69
C ASP A 24 -1.76 5.43 -2.16
N CYS A 25 -2.64 4.71 -2.79
CA CYS A 25 -2.42 4.37 -4.23
C CYS A 25 -2.90 5.52 -5.11
N ASP A 26 -1.99 6.26 -5.67
CA ASP A 26 -2.40 7.41 -6.55
C ASP A 26 -2.97 6.89 -7.86
N THR A 27 -2.71 5.66 -8.20
CA THR A 27 -3.23 5.07 -9.47
C THR A 27 -4.76 5.10 -9.49
N CYS A 28 -5.39 4.71 -8.41
CA CYS A 28 -6.88 4.70 -8.39
C CYS A 28 -7.41 5.44 -7.16
N LEU A 29 -6.72 6.46 -6.75
CA LEU A 29 -7.17 7.29 -5.57
C LEU A 29 -7.67 6.41 -4.41
N VAL A 30 -6.83 5.64 -3.80
CA VAL A 30 -7.25 4.80 -2.65
C VAL A 30 -6.24 4.91 -1.50
N GLN A 31 -6.70 5.08 -0.29
CA GLN A 31 -5.75 5.20 0.85
C GLN A 31 -5.65 3.87 1.61
N ASN A 32 -4.47 3.53 2.05
CA ASN A 32 -4.32 2.27 2.83
C ASN A 32 -3.22 2.45 3.88
N LYS A 33 -3.56 2.26 5.13
CA LYS A 33 -2.55 2.43 6.21
C LYS A 33 -1.53 1.30 6.17
N PRO A 34 -0.57 1.37 7.05
CA PRO A 34 0.48 0.33 7.12
C PRO A 34 -0.16 -1.04 7.33
N GLU A 35 -1.29 -1.08 7.98
CA GLU A 35 -1.98 -2.37 8.22
C GLU A 35 -2.41 -2.98 6.88
N ALA A 36 -2.86 -2.16 5.97
CA ALA A 36 -3.30 -2.67 4.65
C ALA A 36 -2.19 -3.51 4.00
N VAL A 37 -2.39 -3.89 2.77
CA VAL A 37 -1.35 -4.70 2.06
C VAL A 37 -1.71 -4.77 0.58
N LYS A 38 -2.98 -4.87 0.27
CA LYS A 38 -3.42 -4.93 -1.14
C LYS A 38 -4.56 -3.94 -1.36
N CYS A 39 -4.30 -2.90 -2.10
CA CYS A 39 -5.34 -1.86 -2.35
C CYS A 39 -6.68 -2.51 -2.74
N VAL A 40 -7.77 -1.97 -2.28
CA VAL A 40 -9.10 -2.57 -2.60
C VAL A 40 -9.45 -2.40 -4.08
N ALA A 41 -9.22 -1.24 -4.63
CA ALA A 41 -9.58 -0.99 -6.05
C ALA A 41 -8.78 -1.86 -7.03
N CYS A 42 -7.53 -2.10 -6.74
CA CYS A 42 -6.71 -2.92 -7.69
C CYS A 42 -5.73 -3.83 -6.95
N GLU A 43 -5.89 -3.99 -5.67
CA GLU A 43 -4.95 -4.87 -4.89
C GLU A 43 -3.51 -4.59 -5.31
N THR A 44 -2.98 -3.48 -4.91
CA THR A 44 -1.58 -3.12 -5.28
C THR A 44 -0.65 -4.32 -5.09
N PRO A 45 0.44 -4.28 -5.80
CA PRO A 45 1.44 -5.36 -5.70
C PRO A 45 2.06 -5.37 -4.31
N LYS A 46 1.89 -4.31 -3.56
CA LYS A 46 2.48 -4.25 -2.19
C LYS A 46 4.00 -4.45 -2.27
N PRO A 47 4.66 -3.41 -2.71
CA PRO A 47 6.14 -3.44 -2.83
C PRO A 47 6.76 -3.71 -1.46
N GLY A 48 7.84 -4.43 -1.43
CA GLY A 48 8.50 -4.72 -0.13
C GLY A 48 8.32 -6.19 0.23
N THR A 49 8.73 -7.08 -0.65
CA THR A 49 8.58 -8.53 -0.34
C THR A 49 9.41 -8.89 0.87
N GLY A 50 10.54 -8.25 1.05
CA GLY A 50 11.40 -8.56 2.22
C GLY A 50 10.68 -8.09 3.49
N VAL A 51 10.94 -8.72 4.60
CA VAL A 51 10.26 -8.30 5.86
C VAL A 51 11.30 -8.10 6.96
N LYS A 52 11.12 -7.08 7.76
CA LYS A 52 12.11 -6.81 8.85
C LYS A 52 12.16 -7.98 9.83
N ARG A 53 11.03 -8.52 10.20
CA ARG A 53 11.04 -9.66 11.16
C ARG A 53 10.90 -10.99 10.41
ZN ZN B . -5.01 1.08 -6.01
N ALA A 19 2.41 -2.94 10.94
CA ALA A 19 2.77 -1.50 10.87
C ALA A 19 4.03 -1.30 10.03
N ILE A 20 4.03 -1.79 8.83
CA ILE A 20 5.23 -1.64 7.95
C ILE A 20 5.49 -0.16 7.67
N GLY A 21 4.45 0.58 7.39
CA GLY A 21 4.63 2.04 7.11
C GLY A 21 3.33 2.60 6.56
N THR A 22 3.36 3.79 6.05
CA THR A 22 2.12 4.39 5.49
C THR A 22 2.32 4.72 4.01
N TRP A 23 1.39 4.32 3.18
CA TRP A 23 1.53 4.61 1.72
C TRP A 23 0.16 4.94 1.11
N ASP A 24 0.14 5.57 -0.04
CA ASP A 24 -1.17 5.90 -0.68
C ASP A 24 -1.16 5.46 -2.15
N CYS A 25 -2.21 4.82 -2.59
CA CYS A 25 -2.28 4.37 -4.00
C CYS A 25 -2.76 5.53 -4.87
N ASP A 26 -1.92 6.01 -5.76
CA ASP A 26 -2.35 7.17 -6.61
C ASP A 26 -2.97 6.67 -7.91
N THR A 27 -2.91 5.39 -8.18
CA THR A 27 -3.51 4.86 -9.44
C THR A 27 -5.03 4.98 -9.37
N CYS A 28 -5.58 4.83 -8.20
CA CYS A 28 -7.07 4.93 -8.06
C CYS A 28 -7.46 5.92 -6.95
N LEU A 29 -6.56 6.80 -6.58
CA LEU A 29 -6.86 7.81 -5.52
C LEU A 29 -7.37 7.17 -4.23
N VAL A 30 -6.71 6.16 -3.73
CA VAL A 30 -7.16 5.52 -2.45
C VAL A 30 -6.01 5.44 -1.46
N GLN A 31 -6.23 5.86 -0.25
CA GLN A 31 -5.16 5.80 0.78
C GLN A 31 -5.19 4.45 1.50
N ASN A 32 -4.04 3.90 1.82
CA ASN A 32 -4.03 2.59 2.53
C ASN A 32 -3.13 2.67 3.76
N LYS A 33 -3.65 2.32 4.90
CA LYS A 33 -2.85 2.38 6.14
C LYS A 33 -1.81 1.24 6.16
N PRO A 34 -0.93 1.31 7.13
CA PRO A 34 0.12 0.28 7.27
C PRO A 34 -0.51 -1.12 7.36
N GLU A 35 -1.68 -1.20 7.93
CA GLU A 35 -2.37 -2.52 8.04
C GLU A 35 -2.75 -3.03 6.65
N ALA A 36 -3.03 -2.12 5.76
CA ALA A 36 -3.41 -2.51 4.38
C ALA A 36 -2.28 -3.28 3.70
N VAL A 37 -2.61 -4.15 2.79
CA VAL A 37 -1.57 -4.96 2.09
C VAL A 37 -1.91 -5.03 0.60
N LYS A 38 -3.15 -5.24 0.28
CA LYS A 38 -3.55 -5.28 -1.15
C LYS A 38 -4.75 -4.36 -1.35
N CYS A 39 -4.53 -3.24 -1.99
CA CYS A 39 -5.64 -2.26 -2.22
C CYS A 39 -6.91 -2.98 -2.71
N VAL A 40 -8.04 -2.71 -2.09
CA VAL A 40 -9.30 -3.39 -2.50
C VAL A 40 -9.70 -3.06 -3.95
N ALA A 41 -9.66 -1.81 -4.35
CA ALA A 41 -10.06 -1.47 -5.75
C ALA A 41 -9.08 -2.12 -6.73
N CYS A 42 -7.83 -2.13 -6.38
CA CYS A 42 -6.79 -2.76 -7.25
C CYS A 42 -5.60 -3.17 -6.38
N GLU A 43 -5.71 -4.33 -5.78
CA GLU A 43 -4.65 -4.85 -4.86
C GLU A 43 -3.25 -4.44 -5.31
N THR A 44 -2.75 -3.34 -4.83
CA THR A 44 -1.38 -2.90 -5.23
C THR A 44 -0.37 -4.02 -4.98
N PRO A 45 0.73 -3.95 -5.69
CA PRO A 45 1.80 -4.98 -5.58
C PRO A 45 2.65 -4.79 -4.30
N LYS A 46 2.15 -4.07 -3.33
CA LYS A 46 2.95 -3.84 -2.08
C LYS A 46 3.58 -5.14 -1.57
N PRO A 47 2.82 -6.19 -1.53
CA PRO A 47 3.34 -7.49 -1.04
C PRO A 47 4.46 -7.97 -1.97
N GLY A 48 5.47 -8.60 -1.45
CA GLY A 48 6.58 -9.08 -2.31
C GLY A 48 7.47 -7.89 -2.68
N THR A 49 7.45 -6.86 -1.89
CA THR A 49 8.30 -5.67 -2.20
C THR A 49 9.25 -5.37 -1.04
N GLY A 50 10.52 -5.27 -1.31
CA GLY A 50 11.48 -4.99 -0.20
C GLY A 50 11.93 -6.30 0.45
N VAL A 51 11.69 -7.40 -0.19
CA VAL A 51 12.11 -8.71 0.38
C VAL A 51 13.04 -9.43 -0.61
N LYS A 52 14.17 -9.90 -0.14
CA LYS A 52 15.12 -10.61 -1.05
C LYS A 52 14.46 -11.86 -1.63
N ARG A 53 13.69 -12.56 -0.84
CA ARG A 53 13.04 -13.80 -1.34
C ARG A 53 11.80 -13.44 -2.15
ZN ZN B . -5.50 1.35 -5.51
N ALA A 19 9.66 5.54 10.06
CA ALA A 19 9.39 4.26 9.35
C ALA A 19 7.98 3.76 9.68
N ILE A 20 7.00 4.62 9.59
CA ILE A 20 5.61 4.20 9.91
C ILE A 20 5.14 3.14 8.92
N GLY A 21 5.42 3.32 7.66
CA GLY A 21 4.98 2.32 6.64
C GLY A 21 3.65 2.72 6.03
N THR A 22 3.19 3.93 6.29
CA THR A 22 1.89 4.36 5.70
C THR A 22 2.07 4.63 4.20
N TRP A 23 1.16 4.16 3.39
CA TRP A 23 1.31 4.40 1.93
C TRP A 23 -0.05 4.71 1.29
N ASP A 24 -0.05 5.42 0.19
CA ASP A 24 -1.33 5.76 -0.49
C ASP A 24 -1.25 5.42 -1.98
N CYS A 25 -2.20 4.67 -2.48
CA CYS A 25 -2.18 4.30 -3.92
C CYS A 25 -2.64 5.47 -4.79
N ASP A 26 -1.80 5.93 -5.67
CA ASP A 26 -2.18 7.06 -6.56
C ASP A 26 -2.78 6.53 -7.88
N THR A 27 -2.72 5.24 -8.10
CA THR A 27 -3.29 4.67 -9.34
C THR A 27 -4.80 4.86 -9.37
N CYS A 28 -5.45 4.60 -8.27
CA CYS A 28 -6.94 4.76 -8.23
C CYS A 28 -7.35 5.71 -7.10
N LEU A 29 -6.45 6.52 -6.61
CA LEU A 29 -6.77 7.49 -5.53
C LEU A 29 -7.35 6.79 -4.31
N VAL A 30 -6.68 5.80 -3.80
CA VAL A 30 -7.16 5.09 -2.59
C VAL A 30 -6.06 5.06 -1.52
N GLN A 31 -6.37 5.39 -0.31
CA GLN A 31 -5.33 5.40 0.76
C GLN A 31 -5.32 4.06 1.51
N ASN A 32 -4.15 3.53 1.77
CA ASN A 32 -4.08 2.24 2.51
C ASN A 32 -3.17 2.40 3.73
N LYS A 33 -3.63 1.99 4.88
CA LYS A 33 -2.78 2.12 6.10
C LYS A 33 -1.59 1.15 6.01
N PRO A 34 -0.64 1.35 6.87
CA PRO A 34 0.55 0.49 6.90
C PRO A 34 0.13 -0.98 6.99
N GLU A 35 -0.92 -1.27 7.70
CA GLU A 35 -1.39 -2.67 7.82
C GLU A 35 -1.98 -3.14 6.47
N ALA A 36 -2.62 -2.25 5.77
CA ALA A 36 -3.21 -2.63 4.45
C ALA A 36 -2.10 -3.09 3.49
N VAL A 37 -2.39 -4.04 2.65
CA VAL A 37 -1.38 -4.55 1.68
C VAL A 37 -2.08 -5.20 0.49
N LYS A 38 -3.30 -4.80 0.25
CA LYS A 38 -4.07 -5.37 -0.88
C LYS A 38 -5.18 -4.40 -1.25
N CYS A 39 -4.82 -3.33 -1.90
CA CYS A 39 -5.80 -2.27 -2.27
C CYS A 39 -7.09 -2.90 -2.85
N VAL A 40 -8.22 -2.52 -2.34
CA VAL A 40 -9.50 -3.10 -2.85
C VAL A 40 -9.78 -2.67 -4.29
N ALA A 41 -9.58 -1.42 -4.60
CA ALA A 41 -9.88 -0.92 -5.97
C ALA A 41 -9.02 -1.62 -7.04
N CYS A 42 -7.77 -1.86 -6.79
CA CYS A 42 -6.93 -2.53 -7.82
C CYS A 42 -5.81 -3.36 -7.18
N GLU A 43 -6.01 -3.78 -5.96
CA GLU A 43 -4.99 -4.62 -5.24
C GLU A 43 -3.56 -4.18 -5.57
N THR A 44 -2.97 -3.38 -4.73
CA THR A 44 -1.56 -2.94 -4.97
C THR A 44 -0.60 -3.94 -4.35
N PRO A 45 0.58 -4.01 -4.91
CA PRO A 45 1.60 -4.94 -4.40
C PRO A 45 2.38 -4.30 -3.25
N LYS A 46 1.71 -3.59 -2.38
CA LYS A 46 2.41 -2.94 -1.23
C LYS A 46 3.52 -2.02 -1.74
N PRO A 47 3.12 -0.96 -2.37
CA PRO A 47 4.09 0.03 -2.93
C PRO A 47 4.93 0.63 -1.80
N GLY A 48 6.18 0.90 -2.06
CA GLY A 48 7.05 1.49 -1.01
C GLY A 48 7.89 0.38 -0.36
N THR A 49 8.97 0.73 0.28
CA THR A 49 9.81 -0.31 0.93
C THR A 49 10.16 0.11 2.37
N GLY A 50 10.52 -0.84 3.20
CA GLY A 50 10.87 -0.49 4.60
C GLY A 50 12.23 0.22 4.63
N VAL A 51 12.56 0.83 5.73
CA VAL A 51 13.88 1.54 5.83
C VAL A 51 14.52 1.25 7.17
N LYS A 52 15.82 1.09 7.20
CA LYS A 52 16.49 0.80 8.49
C LYS A 52 16.29 1.98 9.45
N ARG A 53 16.48 3.18 8.98
CA ARG A 53 16.28 4.37 9.85
C ARG A 53 15.70 5.53 9.04
ZN ZN B . -5.29 1.26 -5.71
N ALA A 19 3.26 8.81 8.58
CA ALA A 19 3.35 9.32 7.18
C ALA A 19 4.20 8.37 6.32
N ILE A 20 5.46 8.25 6.63
CA ILE A 20 6.34 7.35 5.84
C ILE A 20 5.88 5.89 5.97
N GLY A 21 5.55 5.47 7.16
CA GLY A 21 5.11 4.06 7.36
C GLY A 21 3.88 3.77 6.49
N THR A 22 2.95 4.68 6.42
CA THR A 22 1.74 4.44 5.59
C THR A 22 2.00 4.80 4.13
N TRP A 23 1.14 4.38 3.23
CA TRP A 23 1.36 4.70 1.80
C TRP A 23 0.01 5.01 1.13
N ASP A 24 0.02 5.68 0.01
CA ASP A 24 -1.27 6.01 -0.67
C ASP A 24 -1.19 5.65 -2.16
N CYS A 25 -2.20 5.01 -2.68
CA CYS A 25 -2.20 4.63 -4.11
C CYS A 25 -2.76 5.78 -4.96
N ASP A 26 -1.96 6.32 -5.85
CA ASP A 26 -2.46 7.45 -6.69
C ASP A 26 -3.12 6.94 -7.98
N THR A 27 -2.95 5.69 -8.30
CA THR A 27 -3.58 5.16 -9.54
C THR A 27 -5.10 5.16 -9.42
N CYS A 28 -5.61 4.98 -8.23
CA CYS A 28 -7.10 4.97 -8.05
C CYS A 28 -7.51 5.84 -6.85
N LEU A 29 -6.70 6.80 -6.50
CA LEU A 29 -7.04 7.70 -5.35
C LEU A 29 -7.53 6.90 -4.13
N VAL A 30 -6.72 5.99 -3.65
CA VAL A 30 -7.11 5.20 -2.44
C VAL A 30 -5.97 5.21 -1.43
N GLN A 31 -6.26 5.45 -0.18
CA GLN A 31 -5.19 5.47 0.86
C GLN A 31 -5.19 4.14 1.64
N ASN A 32 -4.05 3.53 1.79
CA ASN A 32 -3.99 2.26 2.57
C ASN A 32 -2.84 2.31 3.58
N LYS A 33 -3.13 2.07 4.82
CA LYS A 33 -2.06 2.10 5.87
C LYS A 33 -1.23 0.82 5.84
N PRO A 34 -0.23 0.78 6.67
CA PRO A 34 0.66 -0.40 6.74
C PRO A 34 -0.17 -1.65 7.04
N GLU A 35 -1.26 -1.50 7.74
CA GLU A 35 -2.11 -2.68 8.07
C GLU A 35 -2.70 -3.27 6.79
N ALA A 36 -3.03 -2.43 5.83
CA ALA A 36 -3.60 -2.95 4.55
C ALA A 36 -2.69 -4.02 3.96
N VAL A 37 -3.05 -4.56 2.83
CA VAL A 37 -2.20 -5.62 2.20
C VAL A 37 -2.44 -5.62 0.70
N LYS A 38 -3.69 -5.53 0.30
CA LYS A 38 -4.01 -5.51 -1.15
C LYS A 38 -5.05 -4.43 -1.41
N CYS A 39 -4.65 -3.38 -2.09
CA CYS A 39 -5.59 -2.26 -2.38
C CYS A 39 -6.93 -2.78 -2.90
N VAL A 40 -8.01 -2.29 -2.35
CA VAL A 40 -9.37 -2.75 -2.79
C VAL A 40 -9.66 -2.39 -4.24
N ALA A 41 -9.39 -1.18 -4.65
CA ALA A 41 -9.67 -0.79 -6.07
C ALA A 41 -8.78 -1.60 -7.01
N CYS A 42 -7.54 -1.76 -6.64
CA CYS A 42 -6.59 -2.55 -7.46
C CYS A 42 -5.50 -3.12 -6.55
N GLU A 43 -5.80 -4.23 -5.91
CA GLU A 43 -4.84 -4.90 -4.98
C GLU A 43 -3.38 -4.66 -5.38
N THR A 44 -2.78 -3.64 -4.84
CA THR A 44 -1.36 -3.35 -5.17
C THR A 44 -0.46 -4.44 -4.61
N PRO A 45 0.65 -4.64 -5.27
CA PRO A 45 1.64 -5.66 -4.84
C PRO A 45 2.53 -5.10 -3.73
N LYS A 46 1.98 -4.36 -2.81
CA LYS A 46 2.81 -3.79 -1.71
C LYS A 46 2.65 -4.62 -0.43
N PRO A 47 3.68 -5.34 -0.08
CA PRO A 47 3.64 -6.18 1.14
C PRO A 47 3.41 -5.32 2.38
N GLY A 48 2.70 -5.81 3.35
CA GLY A 48 2.44 -5.01 4.58
C GLY A 48 3.77 -4.76 5.30
N THR A 49 4.65 -5.73 5.30
CA THR A 49 5.97 -5.54 5.98
C THR A 49 7.11 -6.00 5.07
N GLY A 50 8.29 -5.49 5.26
CA GLY A 50 9.44 -5.91 4.41
C GLY A 50 10.28 -6.94 5.15
N VAL A 51 11.29 -7.46 4.52
CA VAL A 51 12.15 -8.48 5.20
C VAL A 51 13.63 -8.16 4.95
N LYS A 52 14.50 -8.64 5.79
CA LYS A 52 15.95 -8.38 5.61
C LYS A 52 16.45 -9.02 4.31
N ARG A 53 16.02 -10.22 4.02
CA ARG A 53 16.46 -10.90 2.77
C ARG A 53 15.90 -10.16 1.55
ZN ZN B . -5.09 1.39 -5.76
N ALA A 19 6.66 -0.31 11.42
CA ALA A 19 6.18 0.22 10.11
C ALA A 19 6.97 1.49 9.75
N ILE A 20 7.63 1.49 8.63
CA ILE A 20 8.42 2.68 8.22
C ILE A 20 7.50 3.89 8.01
N GLY A 21 6.39 3.70 7.36
CA GLY A 21 5.46 4.85 7.14
C GLY A 21 4.20 4.37 6.42
N THR A 22 3.24 5.24 6.21
CA THR A 22 1.99 4.81 5.51
C THR A 22 2.12 5.05 4.00
N TRP A 23 1.26 4.46 3.23
CA TRP A 23 1.32 4.64 1.75
C TRP A 23 -0.09 4.65 1.14
N ASP A 24 -0.24 5.26 -0.01
CA ASP A 24 -1.58 5.31 -0.66
C ASP A 24 -1.46 4.98 -2.15
N CYS A 25 -2.49 4.44 -2.74
CA CYS A 25 -2.43 4.09 -4.19
C CYS A 25 -2.77 5.31 -5.05
N ASP A 26 -1.79 5.89 -5.69
CA ASP A 26 -2.06 7.09 -6.54
C ASP A 26 -2.81 6.69 -7.82
N THR A 27 -2.76 5.43 -8.16
CA THR A 27 -3.45 4.96 -9.40
C THR A 27 -4.96 5.23 -9.30
N CYS A 28 -5.56 4.92 -8.18
CA CYS A 28 -7.03 5.15 -8.04
C CYS A 28 -7.32 6.07 -6.86
N LEU A 29 -6.41 6.96 -6.56
CA LEU A 29 -6.61 7.92 -5.43
C LEU A 29 -7.18 7.23 -4.19
N VAL A 30 -6.52 6.21 -3.71
CA VAL A 30 -7.01 5.52 -2.47
C VAL A 30 -5.87 5.39 -1.46
N GLN A 31 -6.12 5.69 -0.22
CA GLN A 31 -5.03 5.59 0.79
C GLN A 31 -5.17 4.30 1.59
N ASN A 32 -4.09 3.58 1.74
CA ASN A 32 -4.15 2.32 2.54
C ASN A 32 -3.23 2.43 3.76
N LYS A 33 -3.75 2.23 4.94
CA LYS A 33 -2.90 2.34 6.15
C LYS A 33 -1.89 1.19 6.18
N PRO A 34 -0.97 1.29 7.10
CA PRO A 34 0.07 0.25 7.25
C PRO A 34 -0.57 -1.12 7.42
N GLU A 35 -1.72 -1.16 8.05
CA GLU A 35 -2.40 -2.46 8.26
C GLU A 35 -2.81 -3.06 6.91
N ALA A 36 -3.15 -2.23 5.97
CA ALA A 36 -3.56 -2.74 4.63
C ALA A 36 -2.49 -3.69 4.07
N VAL A 37 -2.70 -4.21 2.89
CA VAL A 37 -1.72 -5.14 2.27
C VAL A 37 -1.88 -5.08 0.76
N LYS A 38 -3.10 -5.13 0.31
CA LYS A 38 -3.37 -5.05 -1.15
C LYS A 38 -4.61 -4.18 -1.37
N CYS A 39 -4.44 -3.09 -2.07
CA CYS A 39 -5.58 -2.16 -2.33
C CYS A 39 -6.85 -2.91 -2.75
N VAL A 40 -7.95 -2.63 -2.11
CA VAL A 40 -9.23 -3.33 -2.45
C VAL A 40 -9.69 -3.03 -3.89
N ALA A 41 -9.66 -1.78 -4.29
CA ALA A 41 -10.10 -1.47 -5.69
C ALA A 41 -9.19 -2.18 -6.68
N CYS A 42 -7.92 -2.18 -6.40
CA CYS A 42 -6.94 -2.87 -7.29
C CYS A 42 -5.70 -3.24 -6.47
N GLU A 43 -5.77 -4.40 -5.82
CA GLU A 43 -4.63 -4.88 -4.96
C GLU A 43 -3.27 -4.41 -5.45
N THR A 44 -2.82 -3.30 -4.95
CA THR A 44 -1.48 -2.79 -5.36
C THR A 44 -0.43 -3.89 -5.21
N PRO A 45 0.65 -3.74 -5.93
CA PRO A 45 1.74 -4.74 -5.88
C PRO A 45 2.43 -4.72 -4.51
N LYS A 46 2.14 -3.74 -3.70
CA LYS A 46 2.79 -3.67 -2.37
C LYS A 46 4.31 -3.71 -2.51
N PRO A 47 4.84 -2.66 -3.09
CA PRO A 47 6.30 -2.56 -3.30
C PRO A 47 7.04 -2.56 -1.96
N GLY A 48 8.22 -3.13 -1.93
CA GLY A 48 8.99 -3.18 -0.66
C GLY A 48 9.67 -1.83 -0.43
N THR A 49 10.45 -1.72 0.62
CA THR A 49 11.14 -0.43 0.91
C THR A 49 12.66 -0.63 0.85
N GLY A 50 13.35 0.22 0.14
CA GLY A 50 14.84 0.08 0.07
C GLY A 50 15.22 -0.98 -0.97
N VAL A 51 14.34 -1.27 -1.88
CA VAL A 51 14.66 -2.31 -2.91
C VAL A 51 14.56 -1.71 -4.31
N LYS A 52 15.56 -1.91 -5.13
CA LYS A 52 15.51 -1.36 -6.52
C LYS A 52 14.64 -2.25 -7.40
N ARG A 53 13.74 -1.68 -8.15
CA ARG A 53 12.85 -2.51 -9.02
C ARG A 53 13.63 -2.99 -10.25
ZN ZN B . -5.64 1.31 -5.82
N ALA A 19 8.01 5.32 15.40
CA ALA A 19 7.30 6.11 14.34
C ALA A 19 6.67 5.18 13.31
N ILE A 20 5.45 5.44 12.92
CA ILE A 20 4.79 4.57 11.92
C ILE A 20 4.60 5.32 10.59
N GLY A 21 5.00 4.73 9.50
CA GLY A 21 4.86 5.41 8.18
C GLY A 21 3.49 5.09 7.57
N THR A 22 3.22 5.64 6.41
CA THR A 22 1.91 5.39 5.75
C THR A 22 2.05 5.50 4.23
N TRP A 23 1.19 4.86 3.49
CA TRP A 23 1.30 4.93 2.00
C TRP A 23 -0.09 4.96 1.36
N ASP A 24 -0.21 5.53 0.19
CA ASP A 24 -1.53 5.59 -0.49
C ASP A 24 -1.38 5.25 -1.98
N CYS A 25 -2.38 4.66 -2.57
CA CYS A 25 -2.30 4.31 -4.01
C CYS A 25 -2.68 5.52 -4.86
N ASP A 26 -1.92 5.79 -5.89
CA ASP A 26 -2.25 6.98 -6.76
C ASP A 26 -2.96 6.54 -8.04
N THR A 27 -2.89 5.28 -8.38
CA THR A 27 -3.56 4.81 -9.63
C THR A 27 -5.08 4.95 -9.50
N CYS A 28 -5.60 4.82 -8.31
CA CYS A 28 -7.08 4.95 -8.13
C CYS A 28 -7.41 5.90 -6.97
N LEU A 29 -6.49 6.77 -6.62
CA LEU A 29 -6.75 7.74 -5.51
C LEU A 29 -7.30 7.03 -4.27
N VAL A 30 -6.56 6.11 -3.73
CA VAL A 30 -7.03 5.40 -2.49
C VAL A 30 -5.90 5.34 -1.46
N GLN A 31 -6.21 5.63 -0.22
CA GLN A 31 -5.16 5.60 0.83
C GLN A 31 -5.23 4.29 1.61
N ASN A 32 -4.11 3.68 1.90
CA ASN A 32 -4.14 2.40 2.68
C ASN A 32 -3.13 2.48 3.83
N LYS A 33 -3.52 2.07 5.00
CA LYS A 33 -2.60 2.12 6.17
C LYS A 33 -1.58 0.98 6.09
N PRO A 34 -0.60 1.06 6.94
CA PRO A 34 0.47 0.02 6.99
C PRO A 34 -0.15 -1.37 7.16
N GLU A 35 -1.24 -1.47 7.87
CA GLU A 35 -1.89 -2.80 8.06
C GLU A 35 -2.40 -3.34 6.73
N ALA A 36 -2.89 -2.48 5.88
CA ALA A 36 -3.42 -2.94 4.56
C ALA A 36 -2.37 -3.79 3.84
N VAL A 37 -2.71 -4.34 2.70
CA VAL A 37 -1.74 -5.17 1.94
C VAL A 37 -2.15 -5.21 0.47
N LYS A 38 -3.42 -5.34 0.21
CA LYS A 38 -3.87 -5.36 -1.22
C LYS A 38 -4.98 -4.33 -1.44
N CYS A 39 -4.65 -3.26 -2.11
CA CYS A 39 -5.66 -2.20 -2.38
C CYS A 39 -6.99 -2.80 -2.88
N VAL A 40 -8.08 -2.37 -2.31
CA VAL A 40 -9.41 -2.91 -2.72
C VAL A 40 -9.74 -2.56 -4.18
N ALA A 41 -9.54 -1.33 -4.57
CA ALA A 41 -9.86 -0.95 -5.99
C ALA A 41 -8.98 -1.74 -6.94
N CYS A 42 -7.73 -1.87 -6.60
CA CYS A 42 -6.77 -2.63 -7.44
C CYS A 42 -5.63 -3.14 -6.55
N GLU A 43 -5.85 -4.26 -5.90
CA GLU A 43 -4.84 -4.85 -4.96
C GLU A 43 -3.40 -4.54 -5.39
N THR A 44 -2.86 -3.46 -4.90
CA THR A 44 -1.45 -3.12 -5.26
C THR A 44 -0.52 -4.20 -4.72
N PRO A 45 0.50 -4.50 -5.49
CA PRO A 45 1.48 -5.53 -5.08
C PRO A 45 2.50 -4.92 -4.11
N LYS A 46 2.05 -4.14 -3.15
CA LYS A 46 3.00 -3.52 -2.19
C LYS A 46 2.90 -4.22 -0.83
N PRO A 47 3.97 -4.85 -0.42
CA PRO A 47 3.97 -5.56 0.89
C PRO A 47 3.71 -4.59 2.03
N GLY A 48 3.01 -5.03 3.05
CA GLY A 48 2.72 -4.12 4.20
C GLY A 48 4.04 -3.74 4.85
N THR A 49 4.98 -4.65 4.86
CA THR A 49 6.31 -4.34 5.48
C THR A 49 7.39 -4.31 4.40
N GLY A 50 8.12 -3.23 4.29
CA GLY A 50 9.17 -3.15 3.25
C GLY A 50 10.49 -3.72 3.78
N VAL A 51 11.46 -3.89 2.93
CA VAL A 51 12.77 -4.45 3.39
C VAL A 51 13.91 -3.50 3.00
N LYS A 52 14.79 -3.22 3.92
CA LYS A 52 15.93 -2.32 3.61
C LYS A 52 16.81 -2.93 2.52
N ARG A 53 17.08 -4.20 2.62
CA ARG A 53 17.94 -4.87 1.59
C ARG A 53 17.21 -4.90 0.23
ZN ZN B . -5.37 1.36 -5.81
N ALA A 19 4.63 9.32 15.10
CA ALA A 19 5.68 8.41 14.56
C ALA A 19 5.04 7.26 13.78
N ILE A 20 4.31 7.57 12.74
CA ILE A 20 3.66 6.49 11.94
C ILE A 20 3.99 6.66 10.45
N GLY A 21 3.91 5.60 9.70
CA GLY A 21 4.22 5.68 8.23
C GLY A 21 3.06 5.07 7.45
N THR A 22 2.75 5.63 6.31
CA THR A 22 1.62 5.07 5.49
C THR A 22 1.85 5.37 4.01
N TRP A 23 1.09 4.76 3.14
CA TRP A 23 1.28 5.02 1.69
C TRP A 23 -0.09 5.19 1.01
N ASP A 24 -0.12 5.83 -0.13
CA ASP A 24 -1.42 6.04 -0.83
C ASP A 24 -1.32 5.61 -2.29
N CYS A 25 -2.24 4.82 -2.75
CA CYS A 25 -2.21 4.35 -4.16
C CYS A 25 -2.66 5.50 -5.08
N ASP A 26 -1.73 6.16 -5.70
CA ASP A 26 -2.10 7.31 -6.61
C ASP A 26 -2.78 6.78 -7.88
N THR A 27 -2.65 5.52 -8.15
CA THR A 27 -3.29 4.96 -9.38
C THR A 27 -4.81 5.14 -9.32
N CYS A 28 -5.41 4.86 -8.20
CA CYS A 28 -6.90 5.01 -8.10
C CYS A 28 -7.28 5.94 -6.94
N LEU A 29 -6.38 6.77 -6.51
CA LEU A 29 -6.69 7.74 -5.40
C LEU A 29 -7.25 7.02 -4.16
N VAL A 30 -6.56 6.02 -3.67
CA VAL A 30 -7.04 5.31 -2.46
C VAL A 30 -5.91 5.22 -1.44
N GLN A 31 -6.18 5.55 -0.20
CA GLN A 31 -5.11 5.49 0.83
C GLN A 31 -5.18 4.17 1.60
N ASN A 32 -4.05 3.56 1.85
CA ASN A 32 -4.05 2.27 2.62
C ASN A 32 -2.99 2.32 3.72
N LYS A 33 -3.39 2.09 4.94
CA LYS A 33 -2.40 2.13 6.05
C LYS A 33 -1.52 0.88 6.01
N PRO A 34 -0.46 0.89 6.79
CA PRO A 34 0.47 -0.25 6.82
C PRO A 34 -0.29 -1.56 7.08
N GLU A 35 -1.35 -1.50 7.83
CA GLU A 35 -2.12 -2.74 8.09
C GLU A 35 -2.64 -3.30 6.77
N ALA A 36 -2.97 -2.43 5.86
CA ALA A 36 -3.47 -2.88 4.54
C ALA A 36 -2.47 -3.86 3.94
N VAL A 37 -2.78 -4.40 2.79
CA VAL A 37 -1.84 -5.37 2.13
C VAL A 37 -2.12 -5.38 0.63
N LYS A 38 -3.37 -5.38 0.27
CA LYS A 38 -3.72 -5.37 -1.17
C LYS A 38 -4.87 -4.39 -1.40
N CYS A 39 -4.59 -3.32 -2.09
CA CYS A 39 -5.62 -2.28 -2.34
C CYS A 39 -6.95 -2.90 -2.79
N VAL A 40 -8.04 -2.49 -2.20
CA VAL A 40 -9.37 -3.06 -2.57
C VAL A 40 -9.73 -2.73 -4.01
N ALA A 41 -9.56 -1.50 -4.43
CA ALA A 41 -9.90 -1.13 -5.83
C ALA A 41 -9.03 -1.93 -6.79
N CYS A 42 -7.76 -1.97 -6.51
CA CYS A 42 -6.80 -2.73 -7.36
C CYS A 42 -5.67 -3.27 -6.49
N GLU A 43 -5.93 -4.38 -5.83
CA GLU A 43 -4.93 -5.01 -4.90
C GLU A 43 -3.49 -4.75 -5.35
N THR A 44 -2.90 -3.69 -4.87
CA THR A 44 -1.50 -3.38 -5.24
C THR A 44 -0.57 -4.49 -4.77
N PRO A 45 0.56 -4.56 -5.39
CA PRO A 45 1.58 -5.60 -5.04
C PRO A 45 2.13 -5.36 -3.63
N LYS A 46 1.83 -4.24 -3.04
CA LYS A 46 2.35 -3.95 -1.67
C LYS A 46 3.88 -4.14 -1.65
N PRO A 47 4.57 -3.05 -1.87
CA PRO A 47 6.06 -3.09 -1.87
C PRO A 47 6.59 -3.53 -0.51
N GLY A 48 7.69 -4.24 -0.50
CA GLY A 48 8.25 -4.71 0.80
C GLY A 48 7.78 -6.14 1.09
N THR A 49 7.12 -6.78 0.16
CA THR A 49 6.64 -8.16 0.40
C THR A 49 7.01 -9.07 -0.78
N GLY A 50 7.01 -10.37 -0.57
CA GLY A 50 7.36 -11.30 -1.67
C GLY A 50 8.88 -11.40 -1.78
N VAL A 51 9.35 -12.25 -2.66
CA VAL A 51 10.83 -12.41 -2.82
C VAL A 51 11.45 -11.11 -3.32
N LYS A 52 10.83 -10.49 -4.29
CA LYS A 52 11.40 -9.22 -4.84
C LYS A 52 11.44 -8.13 -3.76
N ARG A 53 10.42 -8.04 -2.94
CA ARG A 53 10.41 -6.99 -1.89
C ARG A 53 10.62 -5.60 -2.50
ZN ZN B . -5.33 1.32 -5.78
N ALA A 19 6.78 -0.65 0.96
CA ALA A 19 6.70 -1.95 1.69
C ALA A 19 6.25 -1.73 3.13
N ILE A 20 6.83 -0.77 3.81
CA ILE A 20 6.44 -0.51 5.22
C ILE A 20 6.14 0.97 5.43
N GLY A 21 5.42 1.31 6.47
CA GLY A 21 5.10 2.74 6.72
C GLY A 21 3.77 3.11 6.07
N THR A 22 3.21 4.23 6.44
CA THR A 22 1.90 4.65 5.83
C THR A 22 2.09 4.96 4.35
N TRP A 23 1.23 4.44 3.52
CA TRP A 23 1.36 4.70 2.06
C TRP A 23 -0.03 4.82 1.41
N ASP A 24 -0.12 5.43 0.26
CA ASP A 24 -1.44 5.57 -0.42
C ASP A 24 -1.32 5.25 -1.91
N CYS A 25 -2.37 4.74 -2.50
CA CYS A 25 -2.34 4.40 -3.95
C CYS A 25 -2.77 5.61 -4.79
N ASP A 26 -1.95 6.04 -5.71
CA ASP A 26 -2.33 7.22 -6.55
C ASP A 26 -2.92 6.77 -7.90
N THR A 27 -2.94 5.49 -8.16
CA THR A 27 -3.51 5.02 -9.46
C THR A 27 -5.04 5.12 -9.41
N CYS A 28 -5.61 5.12 -8.24
CA CYS A 28 -7.09 5.20 -8.12
C CYS A 28 -7.50 6.08 -6.93
N LEU A 29 -6.62 6.94 -6.48
CA LEU A 29 -6.95 7.86 -5.35
C LEU A 29 -7.44 7.08 -4.12
N VAL A 30 -6.73 6.07 -3.72
CA VAL A 30 -7.16 5.29 -2.52
C VAL A 30 -6.00 5.22 -1.52
N GLN A 31 -6.27 5.51 -0.27
CA GLN A 31 -5.19 5.46 0.75
C GLN A 31 -5.21 4.13 1.49
N ASN A 32 -4.05 3.57 1.76
CA ASN A 32 -4.01 2.27 2.50
C ASN A 32 -2.95 2.33 3.60
N LYS A 33 -3.37 2.43 4.83
CA LYS A 33 -2.40 2.50 5.95
C LYS A 33 -1.47 1.27 5.93
N PRO A 34 -0.49 1.30 6.78
CA PRO A 34 0.47 0.18 6.87
C PRO A 34 -0.26 -1.14 7.15
N GLU A 35 -1.38 -1.06 7.82
CA GLU A 35 -2.14 -2.30 8.14
C GLU A 35 -2.67 -2.94 6.84
N ALA A 36 -3.02 -2.13 5.88
CA ALA A 36 -3.53 -2.67 4.59
C ALA A 36 -2.54 -3.71 4.02
N VAL A 37 -2.83 -4.24 2.86
CA VAL A 37 -1.92 -5.24 2.25
C VAL A 37 -2.10 -5.23 0.74
N LYS A 38 -3.33 -5.20 0.30
CA LYS A 38 -3.60 -5.15 -1.16
C LYS A 38 -4.80 -4.26 -1.43
N CYS A 39 -4.57 -3.18 -2.12
CA CYS A 39 -5.66 -2.20 -2.43
C CYS A 39 -6.93 -2.91 -2.91
N VAL A 40 -8.05 -2.53 -2.36
CA VAL A 40 -9.35 -3.17 -2.76
C VAL A 40 -9.67 -2.88 -4.23
N ALA A 41 -9.56 -1.65 -4.65
CA ALA A 41 -9.87 -1.33 -6.07
C ALA A 41 -8.90 -2.06 -6.99
N CYS A 42 -7.65 -1.99 -6.67
CA CYS A 42 -6.60 -2.68 -7.48
C CYS A 42 -5.47 -3.15 -6.57
N GLU A 43 -5.69 -4.27 -5.91
CA GLU A 43 -4.69 -4.85 -4.95
C GLU A 43 -3.24 -4.50 -5.32
N THR A 44 -2.77 -3.40 -4.81
CA THR A 44 -1.35 -2.99 -5.10
C THR A 44 -0.41 -4.18 -4.89
N PRO A 45 0.73 -4.09 -5.51
CA PRO A 45 1.74 -5.18 -5.40
C PRO A 45 2.27 -5.29 -3.97
N LYS A 46 2.03 -4.30 -3.15
CA LYS A 46 2.54 -4.36 -1.75
C LYS A 46 2.18 -5.71 -1.11
N PRO A 47 3.17 -6.54 -0.96
CA PRO A 47 2.95 -7.89 -0.35
C PRO A 47 2.29 -7.75 1.03
N GLY A 48 2.67 -6.75 1.78
CA GLY A 48 2.08 -6.56 3.13
C GLY A 48 3.19 -6.63 4.18
N THR A 49 2.85 -6.37 5.42
CA THR A 49 3.90 -6.42 6.49
C THR A 49 4.43 -7.85 6.64
N GLY A 50 3.60 -8.83 6.41
CA GLY A 50 4.06 -10.24 6.55
C GLY A 50 4.15 -10.61 8.03
N VAL A 51 4.78 -11.70 8.34
CA VAL A 51 4.89 -12.11 9.77
C VAL A 51 6.37 -12.22 10.17
N LYS A 52 6.73 -11.64 11.28
CA LYS A 52 8.15 -11.70 11.72
C LYS A 52 8.25 -12.41 13.07
N ARG A 53 9.32 -13.13 13.30
CA ARG A 53 9.47 -13.85 14.59
C ARG A 53 9.78 -12.85 15.72
ZN ZN B . -5.39 1.43 -5.81
N ALA A 19 11.43 4.11 9.41
CA ALA A 19 10.11 3.42 9.39
C ALA A 19 9.46 3.55 8.01
N ILE A 20 8.70 2.57 7.61
CA ILE A 20 8.05 2.64 6.27
C ILE A 20 6.91 3.67 6.28
N GLY A 21 6.32 3.89 7.43
CA GLY A 21 5.20 4.89 7.50
C GLY A 21 4.01 4.40 6.69
N THR A 22 2.98 5.20 6.57
CA THR A 22 1.78 4.78 5.80
C THR A 22 2.00 5.07 4.30
N TRP A 23 1.15 4.55 3.46
CA TRP A 23 1.31 4.81 2.00
C TRP A 23 -0.07 4.93 1.33
N ASP A 24 -0.16 5.67 0.26
CA ASP A 24 -1.48 5.82 -0.43
C ASP A 24 -1.35 5.43 -1.90
N CYS A 25 -2.36 4.81 -2.45
CA CYS A 25 -2.31 4.41 -3.88
C CYS A 25 -2.83 5.56 -4.76
N ASP A 26 -1.99 6.09 -5.61
CA ASP A 26 -2.45 7.21 -6.49
C ASP A 26 -2.96 6.68 -7.84
N THR A 27 -2.78 5.41 -8.09
CA THR A 27 -3.28 4.84 -9.38
C THR A 27 -4.79 4.96 -9.42
N CYS A 28 -5.44 4.65 -8.34
CA CYS A 28 -6.93 4.75 -8.29
C CYS A 28 -7.37 5.69 -7.14
N LEU A 29 -6.49 6.54 -6.71
CA LEU A 29 -6.83 7.51 -5.61
C LEU A 29 -7.41 6.79 -4.38
N VAL A 30 -6.66 5.89 -3.81
CA VAL A 30 -7.14 5.18 -2.59
C VAL A 30 -6.04 5.19 -1.51
N GLN A 31 -6.40 5.48 -0.30
CA GLN A 31 -5.37 5.52 0.79
C GLN A 31 -5.35 4.20 1.56
N ASN A 32 -4.18 3.68 1.85
CA ASN A 32 -4.11 2.40 2.61
C ASN A 32 -3.00 2.48 3.68
N LYS A 33 -3.35 2.26 4.91
CA LYS A 33 -2.33 2.34 6.00
C LYS A 33 -1.37 1.15 5.92
N PRO A 34 -0.35 1.21 6.74
CA PRO A 34 0.66 0.12 6.78
C PRO A 34 -0.03 -1.23 7.03
N GLU A 35 -1.11 -1.24 7.75
CA GLU A 35 -1.81 -2.54 8.01
C GLU A 35 -2.37 -3.09 6.71
N ALA A 36 -2.75 -2.24 5.80
CA ALA A 36 -3.30 -2.71 4.51
C ALA A 36 -2.36 -3.74 3.87
N VAL A 37 -2.72 -4.26 2.74
CA VAL A 37 -1.85 -5.27 2.07
C VAL A 37 -2.19 -5.33 0.58
N LYS A 38 -3.45 -5.28 0.26
CA LYS A 38 -3.86 -5.32 -1.15
C LYS A 38 -4.99 -4.31 -1.37
N CYS A 39 -4.69 -3.23 -2.04
CA CYS A 39 -5.71 -2.18 -2.30
C CYS A 39 -7.03 -2.79 -2.77
N VAL A 40 -8.12 -2.32 -2.26
CA VAL A 40 -9.45 -2.88 -2.66
C VAL A 40 -9.76 -2.61 -4.13
N ALA A 41 -9.54 -1.41 -4.60
CA ALA A 41 -9.87 -1.09 -6.01
C ALA A 41 -8.98 -1.83 -7.02
N CYS A 42 -7.72 -1.97 -6.73
CA CYS A 42 -6.82 -2.68 -7.70
C CYS A 42 -5.71 -3.45 -6.98
N GLU A 43 -5.94 -3.83 -5.75
CA GLU A 43 -4.94 -4.61 -4.95
C GLU A 43 -3.49 -4.33 -5.37
N THR A 44 -2.90 -3.31 -4.80
CA THR A 44 -1.47 -3.00 -5.15
C THR A 44 -0.57 -4.18 -4.83
N PRO A 45 0.55 -4.22 -5.50
CA PRO A 45 1.54 -5.29 -5.28
C PRO A 45 2.48 -4.96 -4.11
N LYS A 46 2.00 -4.23 -3.11
CA LYS A 46 2.89 -3.89 -1.96
C LYS A 46 3.62 -5.14 -1.45
N PRO A 47 2.88 -6.19 -1.21
CA PRO A 47 3.49 -7.45 -0.73
C PRO A 47 4.53 -7.95 -1.75
N GLY A 48 5.61 -8.50 -1.27
CA GLY A 48 6.65 -9.02 -2.21
C GLY A 48 7.63 -7.90 -2.58
N THR A 49 7.33 -6.68 -2.22
CA THR A 49 8.26 -5.55 -2.55
C THR A 49 8.49 -4.68 -1.33
N GLY A 50 9.60 -3.99 -1.27
CA GLY A 50 9.88 -3.12 -0.10
C GLY A 50 11.14 -2.31 -0.37
N VAL A 51 11.50 -1.44 0.54
CA VAL A 51 12.72 -0.62 0.34
C VAL A 51 13.71 -0.85 1.48
N LYS A 52 14.94 -1.11 1.17
CA LYS A 52 15.95 -1.36 2.24
C LYS A 52 16.11 -0.10 3.09
N ARG A 53 16.14 1.05 2.46
CA ARG A 53 16.29 2.32 3.24
C ARG A 53 17.53 2.24 4.14
ZN ZN B . -5.30 1.26 -5.73
N ALA A 19 5.75 7.86 5.63
CA ALA A 19 6.92 6.94 5.59
C ALA A 19 6.55 5.63 4.91
N ILE A 20 7.42 4.66 4.95
CA ILE A 20 7.10 3.35 4.30
C ILE A 20 5.99 2.64 5.06
N GLY A 21 5.83 2.93 6.32
CA GLY A 21 4.77 2.27 7.12
C GLY A 21 3.39 2.66 6.56
N THR A 22 3.26 3.89 6.13
CA THR A 22 1.94 4.34 5.57
C THR A 22 2.12 4.77 4.11
N TRP A 23 1.29 4.26 3.23
CA TRP A 23 1.42 4.64 1.80
C TRP A 23 0.03 4.80 1.16
N ASP A 24 -0.07 5.59 0.13
CA ASP A 24 -1.39 5.76 -0.54
C ASP A 24 -1.30 5.34 -2.00
N CYS A 25 -2.30 4.70 -2.51
CA CYS A 25 -2.26 4.27 -3.94
C CYS A 25 -2.74 5.44 -4.83
N ASP A 26 -1.86 5.98 -5.63
CA ASP A 26 -2.25 7.13 -6.50
C ASP A 26 -2.80 6.64 -7.84
N THR A 27 -2.68 5.37 -8.13
CA THR A 27 -3.22 4.87 -9.43
C THR A 27 -4.74 4.96 -9.44
N CYS A 28 -5.36 4.82 -8.30
CA CYS A 28 -6.85 4.90 -8.24
C CYS A 28 -7.32 5.80 -7.09
N LEU A 29 -6.48 6.69 -6.64
CA LEU A 29 -6.88 7.63 -5.54
C LEU A 29 -7.36 6.87 -4.30
N VAL A 30 -6.62 5.90 -3.86
CA VAL A 30 -7.04 5.15 -2.64
C VAL A 30 -5.89 5.14 -1.63
N GLN A 31 -6.16 5.44 -0.40
CA GLN A 31 -5.08 5.46 0.63
C GLN A 31 -5.08 4.16 1.43
N ASN A 32 -3.93 3.57 1.64
CA ASN A 32 -3.87 2.31 2.43
C ASN A 32 -2.98 2.49 3.66
N LYS A 33 -3.45 2.10 4.81
CA LYS A 33 -2.63 2.26 6.04
C LYS A 33 -1.60 1.12 6.13
N PRO A 34 -0.73 1.23 7.10
CA PRO A 34 0.32 0.21 7.30
C PRO A 34 -0.31 -1.18 7.43
N GLU A 35 -1.47 -1.26 8.02
CA GLU A 35 -2.14 -2.59 8.17
C GLU A 35 -2.55 -3.11 6.80
N ALA A 36 -2.93 -2.24 5.92
CA ALA A 36 -3.34 -2.68 4.56
C ALA A 36 -2.26 -3.58 3.94
N VAL A 37 -2.53 -4.14 2.79
CA VAL A 37 -1.54 -5.02 2.12
C VAL A 37 -1.85 -5.04 0.62
N LYS A 38 -3.10 -5.16 0.29
CA LYS A 38 -3.50 -5.16 -1.15
C LYS A 38 -4.69 -4.22 -1.33
N CYS A 39 -4.47 -3.14 -2.02
CA CYS A 39 -5.57 -2.13 -2.23
C CYS A 39 -6.88 -2.82 -2.64
N VAL A 40 -7.97 -2.37 -2.09
CA VAL A 40 -9.28 -3.00 -2.41
C VAL A 40 -9.69 -2.78 -3.88
N ALA A 41 -9.53 -1.58 -4.37
CA ALA A 41 -9.95 -1.28 -5.78
C ALA A 41 -9.09 -2.03 -6.82
N CYS A 42 -7.82 -2.14 -6.60
CA CYS A 42 -6.96 -2.83 -7.61
C CYS A 42 -5.89 -3.70 -6.94
N GLU A 43 -6.03 -3.99 -5.68
CA GLU A 43 -5.04 -4.85 -4.95
C GLU A 43 -3.61 -4.54 -5.38
N THR A 44 -3.04 -3.48 -4.90
CA THR A 44 -1.64 -3.15 -5.28
C THR A 44 -0.75 -4.39 -5.07
N PRO A 45 0.35 -4.41 -5.77
CA PRO A 45 1.30 -5.56 -5.68
C PRO A 45 1.95 -5.60 -4.28
N LYS A 46 1.86 -4.54 -3.54
CA LYS A 46 2.49 -4.53 -2.19
C LYS A 46 3.95 -4.98 -2.27
N PRO A 47 4.80 -4.05 -2.63
CA PRO A 47 6.25 -4.34 -2.76
C PRO A 47 6.82 -4.79 -1.42
N GLY A 48 7.79 -5.66 -1.43
CA GLY A 48 8.39 -6.14 -0.15
C GLY A 48 7.79 -7.50 0.22
N THR A 49 6.82 -7.96 -0.51
CA THR A 49 6.20 -9.29 -0.20
C THR A 49 6.35 -10.23 -1.40
N GLY A 50 6.85 -11.42 -1.18
CA GLY A 50 7.01 -12.37 -2.31
C GLY A 50 6.21 -13.64 -2.03
N VAL A 51 5.42 -14.08 -2.97
CA VAL A 51 4.61 -15.31 -2.77
C VAL A 51 5.54 -16.52 -2.62
N LYS A 52 6.65 -16.52 -3.29
CA LYS A 52 7.59 -17.68 -3.18
C LYS A 52 8.33 -17.62 -1.85
N ARG A 53 8.58 -18.75 -1.25
CA ARG A 53 9.30 -18.77 0.05
C ARG A 53 10.82 -18.91 -0.17
ZN ZN B . -5.31 1.17 -5.71
N ALA A 19 2.40 10.06 5.93
CA ALA A 19 3.63 9.70 6.70
C ALA A 19 4.52 8.77 5.88
N ILE A 20 5.79 8.75 6.18
CA ILE A 20 6.73 7.87 5.44
C ILE A 20 6.36 6.40 5.67
N GLY A 21 6.06 6.04 6.88
CA GLY A 21 5.69 4.62 7.18
C GLY A 21 4.42 4.23 6.42
N THR A 22 3.48 5.13 6.30
CA THR A 22 2.21 4.80 5.60
C THR A 22 2.39 4.90 4.07
N TRP A 23 1.48 4.33 3.33
CA TRP A 23 1.56 4.39 1.85
C TRP A 23 0.16 4.53 1.25
N ASP A 24 0.05 5.13 0.10
CA ASP A 24 -1.29 5.30 -0.54
C ASP A 24 -1.21 4.94 -2.02
N CYS A 25 -2.30 4.47 -2.59
CA CYS A 25 -2.29 4.09 -4.02
C CYS A 25 -2.69 5.29 -4.89
N ASP A 26 -1.77 5.82 -5.64
CA ASP A 26 -2.09 6.98 -6.53
C ASP A 26 -2.78 6.50 -7.82
N THR A 27 -2.67 5.24 -8.13
CA THR A 27 -3.31 4.72 -9.37
C THR A 27 -4.83 4.90 -9.33
N CYS A 28 -5.45 4.58 -8.22
CA CYS A 28 -6.93 4.73 -8.15
C CYS A 28 -7.34 5.71 -7.03
N LEU A 29 -6.46 6.60 -6.65
CA LEU A 29 -6.79 7.60 -5.59
C LEU A 29 -7.29 6.91 -4.30
N VAL A 30 -6.57 5.94 -3.81
CA VAL A 30 -7.00 5.25 -2.57
C VAL A 30 -5.83 5.18 -1.57
N GLN A 31 -6.07 5.51 -0.32
CA GLN A 31 -4.97 5.46 0.69
C GLN A 31 -5.03 4.13 1.46
N ASN A 32 -3.90 3.51 1.68
CA ASN A 32 -3.91 2.22 2.45
C ASN A 32 -3.09 2.35 3.72
N LYS A 33 -3.71 2.13 4.86
CA LYS A 33 -2.96 2.24 6.14
C LYS A 33 -1.89 1.15 6.22
N PRO A 34 -1.07 1.24 7.23
CA PRO A 34 0.01 0.24 7.44
C PRO A 34 -0.57 -1.17 7.51
N GLU A 35 -1.75 -1.29 8.06
CA GLU A 35 -2.38 -2.65 8.17
C GLU A 35 -2.74 -3.17 6.77
N ALA A 36 -3.15 -2.29 5.90
CA ALA A 36 -3.51 -2.72 4.51
C ALA A 36 -2.29 -3.24 3.76
N VAL A 37 -2.50 -4.03 2.76
CA VAL A 37 -1.36 -4.58 1.96
C VAL A 37 -1.80 -4.74 0.51
N LYS A 38 -2.99 -5.21 0.30
CA LYS A 38 -3.50 -5.37 -1.09
C LYS A 38 -4.69 -4.43 -1.30
N CYS A 39 -4.46 -3.33 -1.96
CA CYS A 39 -5.54 -2.33 -2.19
C CYS A 39 -6.84 -3.00 -2.65
N VAL A 40 -7.94 -2.64 -2.06
CA VAL A 40 -9.24 -3.24 -2.43
C VAL A 40 -9.67 -2.83 -3.85
N ALA A 41 -9.51 -1.59 -4.20
CA ALA A 41 -9.94 -1.12 -5.54
C ALA A 41 -9.17 -1.80 -6.68
N CYS A 42 -7.91 -2.03 -6.52
CA CYS A 42 -7.13 -2.68 -7.62
C CYS A 42 -5.96 -3.50 -7.08
N GLU A 43 -6.01 -3.88 -5.83
CA GLU A 43 -4.91 -4.69 -5.22
C GLU A 43 -3.53 -4.17 -5.67
N THR A 44 -2.97 -3.28 -4.91
CA THR A 44 -1.63 -2.74 -5.27
C THR A 44 -0.56 -3.81 -4.98
N PRO A 45 0.31 -4.03 -5.93
CA PRO A 45 1.38 -5.04 -5.76
C PRO A 45 2.52 -4.50 -4.88
N LYS A 46 2.18 -3.87 -3.78
CA LYS A 46 3.25 -3.32 -2.89
C LYS A 46 2.98 -3.74 -1.44
N PRO A 47 3.57 -4.84 -1.05
CA PRO A 47 3.39 -5.34 0.34
C PRO A 47 3.99 -4.34 1.33
N GLY A 48 3.38 -4.21 2.47
CA GLY A 48 3.92 -3.24 3.47
C GLY A 48 5.10 -3.87 4.21
N THR A 49 5.86 -3.06 4.92
CA THR A 49 7.03 -3.59 5.68
C THR A 49 7.03 -3.00 7.08
N GLY A 50 7.77 -3.58 7.99
CA GLY A 50 7.82 -3.04 9.37
C GLY A 50 8.64 -1.75 9.38
N VAL A 51 8.55 -0.97 10.42
CA VAL A 51 9.33 0.30 10.46
C VAL A 51 10.83 -0.02 10.42
N LYS A 52 11.26 -0.98 11.21
CA LYS A 52 12.70 -1.36 11.23
C LYS A 52 13.07 -2.17 9.98
N ARG A 53 14.17 -1.84 9.36
CA ARG A 53 14.58 -2.59 8.13
C ARG A 53 13.41 -2.70 7.15
ZN ZN B . -5.41 1.13 -5.63
N ALA A 19 5.04 10.02 3.31
CA ALA A 19 4.95 9.70 4.77
C ALA A 19 4.91 8.18 4.98
N ILE A 20 5.87 7.65 5.69
CA ILE A 20 5.89 6.18 5.92
C ILE A 20 4.75 5.78 6.86
N GLY A 21 4.23 6.70 7.62
CA GLY A 21 3.12 6.37 8.56
C GLY A 21 1.91 5.89 7.76
N THR A 22 1.65 6.50 6.63
CA THR A 22 0.47 6.08 5.81
C THR A 22 0.79 6.22 4.32
N TRP A 23 0.12 5.48 3.48
CA TRP A 23 0.39 5.60 2.02
C TRP A 23 -0.91 5.50 1.23
N ASP A 24 -0.94 6.07 0.05
CA ASP A 24 -2.18 6.00 -0.78
C ASP A 24 -1.83 5.58 -2.20
N CYS A 25 -2.70 4.85 -2.85
CA CYS A 25 -2.39 4.40 -4.23
C CYS A 25 -2.65 5.53 -5.23
N ASP A 26 -1.61 6.01 -5.87
CA ASP A 26 -1.79 7.12 -6.85
C ASP A 26 -2.49 6.60 -8.11
N THR A 27 -2.40 5.33 -8.37
CA THR A 27 -3.06 4.77 -9.59
C THR A 27 -4.58 4.95 -9.51
N CYS A 28 -5.16 4.66 -8.39
CA CYS A 28 -6.64 4.82 -8.25
C CYS A 28 -6.99 5.72 -7.05
N LEU A 29 -6.02 6.42 -6.52
CA LEU A 29 -6.28 7.33 -5.37
C LEU A 29 -7.11 6.66 -4.26
N VAL A 30 -6.46 5.95 -3.37
CA VAL A 30 -7.18 5.30 -2.24
C VAL A 30 -6.37 5.47 -0.95
N GLN A 31 -6.97 5.26 0.18
CA GLN A 31 -6.23 5.42 1.46
C GLN A 31 -5.96 4.06 2.11
N ASN A 32 -4.73 3.61 2.08
CA ASN A 32 -4.40 2.30 2.74
C ASN A 32 -3.26 2.50 3.73
N LYS A 33 -3.46 2.11 4.95
CA LYS A 33 -2.39 2.30 5.98
C LYS A 33 -1.33 1.19 5.86
N PRO A 34 -0.31 1.31 6.66
CA PRO A 34 0.79 0.32 6.65
C PRO A 34 0.24 -1.09 6.87
N GLU A 35 -0.82 -1.21 7.62
CA GLU A 35 -1.41 -2.56 7.88
C GLU A 35 -1.98 -3.14 6.59
N ALA A 36 -2.47 -2.29 5.71
CA ALA A 36 -3.04 -2.79 4.44
C ALA A 36 -2.07 -3.76 3.75
N VAL A 37 -2.49 -4.33 2.65
CA VAL A 37 -1.61 -5.29 1.92
C VAL A 37 -2.10 -5.43 0.48
N LYS A 38 -3.39 -5.46 0.29
CA LYS A 38 -3.94 -5.57 -1.09
C LYS A 38 -4.96 -4.46 -1.34
N CYS A 39 -4.57 -3.44 -2.04
CA CYS A 39 -5.48 -2.30 -2.31
C CYS A 39 -6.86 -2.82 -2.78
N VAL A 40 -7.91 -2.31 -2.21
CA VAL A 40 -9.27 -2.77 -2.60
C VAL A 40 -9.62 -2.34 -4.03
N ALA A 41 -9.31 -1.12 -4.38
CA ALA A 41 -9.67 -0.62 -5.74
C ALA A 41 -8.94 -1.39 -6.86
N CYS A 42 -7.70 -1.72 -6.67
CA CYS A 42 -6.96 -2.45 -7.75
C CYS A 42 -5.89 -3.37 -7.15
N GLU A 43 -6.03 -3.73 -5.92
CA GLU A 43 -5.04 -4.63 -5.23
C GLU A 43 -3.60 -4.37 -5.69
N THR A 44 -2.89 -3.56 -4.96
CA THR A 44 -1.47 -3.28 -5.33
C THR A 44 -0.58 -4.33 -4.66
N PRO A 45 0.47 -4.69 -5.34
CA PRO A 45 1.41 -5.70 -4.79
C PRO A 45 2.32 -5.06 -3.73
N LYS A 46 1.75 -4.31 -2.81
CA LYS A 46 2.59 -3.67 -1.75
C LYS A 46 2.12 -4.09 -0.36
N PRO A 47 2.53 -5.26 0.04
CA PRO A 47 2.15 -5.78 1.38
C PRO A 47 2.51 -4.76 2.46
N GLY A 48 3.63 -4.11 2.33
CA GLY A 48 4.04 -3.10 3.35
C GLY A 48 5.32 -2.41 2.89
N THR A 49 5.68 -1.33 3.52
CA THR A 49 6.94 -0.61 3.12
C THR A 49 8.15 -1.49 3.43
N GLY A 50 8.09 -2.27 4.47
CA GLY A 50 9.25 -3.14 4.83
C GLY A 50 10.27 -2.35 5.65
N VAL A 51 9.95 -1.13 6.03
CA VAL A 51 10.93 -0.32 6.82
C VAL A 51 11.18 -1.01 8.17
N LYS A 52 10.14 -1.44 8.82
CA LYS A 52 10.31 -2.12 10.14
C LYS A 52 11.11 -3.41 9.97
N ARG A 53 10.84 -4.17 8.94
CA ARG A 53 11.57 -5.44 8.73
C ARG A 53 13.01 -5.15 8.28
ZN ZN B . -5.03 1.15 -5.80
N ALA A 19 7.52 -2.48 6.06
CA ALA A 19 6.29 -1.74 5.65
C ALA A 19 5.78 -0.90 6.82
N ILE A 20 6.65 -0.49 7.71
CA ILE A 20 6.22 0.34 8.86
C ILE A 20 5.67 1.68 8.37
N GLY A 21 6.32 2.31 7.43
CA GLY A 21 5.82 3.62 6.91
C GLY A 21 4.50 3.39 6.16
N THR A 22 3.65 4.38 6.17
CA THR A 22 2.33 4.23 5.46
C THR A 22 2.50 4.53 3.97
N TRP A 23 1.56 4.13 3.16
CA TRP A 23 1.67 4.40 1.70
C TRP A 23 0.28 4.67 1.11
N ASP A 24 0.23 5.33 -0.02
CA ASP A 24 -1.10 5.64 -0.65
C ASP A 24 -1.09 5.27 -2.13
N CYS A 25 -2.16 4.70 -2.62
CA CYS A 25 -2.22 4.33 -4.06
C CYS A 25 -2.78 5.50 -4.87
N ASP A 26 -1.97 6.09 -5.71
CA ASP A 26 -2.47 7.24 -6.53
C ASP A 26 -3.01 6.75 -7.87
N THR A 27 -2.84 5.50 -8.18
CA THR A 27 -3.37 4.98 -9.48
C THR A 27 -4.89 5.01 -9.47
N CYS A 28 -5.49 4.79 -8.33
CA CYS A 28 -6.98 4.81 -8.26
C CYS A 28 -7.44 5.73 -7.12
N LEU A 29 -6.58 6.62 -6.68
CA LEU A 29 -6.95 7.58 -5.59
C LEU A 29 -7.38 6.86 -4.31
N VAL A 30 -6.65 5.85 -3.90
CA VAL A 30 -7.01 5.14 -2.64
C VAL A 30 -5.79 5.05 -1.72
N GLN A 31 -5.97 5.36 -0.46
CA GLN A 31 -4.82 5.28 0.49
C GLN A 31 -4.91 3.99 1.31
N ASN A 32 -3.80 3.38 1.63
CA ASN A 32 -3.86 2.12 2.42
C ASN A 32 -3.07 2.30 3.72
N LYS A 33 -3.72 2.11 4.85
CA LYS A 33 -3.00 2.25 6.14
C LYS A 33 -1.96 1.14 6.29
N PRO A 34 -1.12 1.29 7.28
CA PRO A 34 -0.05 0.28 7.52
C PRO A 34 -0.65 -1.11 7.65
N GLU A 35 -1.81 -1.22 8.23
CA GLU A 35 -2.45 -2.57 8.38
C GLU A 35 -2.81 -3.12 6.99
N ALA A 36 -3.19 -2.27 6.10
CA ALA A 36 -3.56 -2.73 4.72
C ALA A 36 -2.44 -3.59 4.16
N VAL A 37 -2.61 -4.10 2.96
CA VAL A 37 -1.57 -4.95 2.34
C VAL A 37 -1.82 -5.03 0.84
N LYS A 38 -3.06 -5.14 0.46
CA LYS A 38 -3.40 -5.19 -0.99
C LYS A 38 -4.59 -4.27 -1.26
N CYS A 39 -4.36 -3.20 -1.96
CA CYS A 39 -5.46 -2.24 -2.24
C CYS A 39 -6.74 -2.95 -2.69
N VAL A 40 -7.84 -2.61 -2.08
CA VAL A 40 -9.13 -3.26 -2.44
C VAL A 40 -9.58 -2.88 -3.86
N ALA A 41 -9.46 -1.62 -4.20
CA ALA A 41 -9.93 -1.17 -5.54
C ALA A 41 -9.16 -1.83 -6.69
N CYS A 42 -7.88 -2.02 -6.55
CA CYS A 42 -7.11 -2.66 -7.67
C CYS A 42 -5.96 -3.52 -7.14
N GLU A 43 -6.01 -3.91 -5.90
CA GLU A 43 -4.93 -4.76 -5.31
C GLU A 43 -3.54 -4.28 -5.73
N THR A 44 -2.95 -3.40 -4.96
CA THR A 44 -1.60 -2.91 -5.29
C THR A 44 -0.59 -4.04 -5.08
N PRO A 45 0.53 -3.92 -5.74
CA PRO A 45 1.59 -4.95 -5.62
C PRO A 45 2.27 -4.88 -4.24
N LYS A 46 1.94 -3.90 -3.46
CA LYS A 46 2.59 -3.79 -2.11
C LYS A 46 4.09 -3.57 -2.27
N PRO A 47 4.43 -2.43 -2.82
CA PRO A 47 5.86 -2.09 -3.05
C PRO A 47 6.65 -2.22 -1.75
N GLY A 48 6.08 -1.85 -0.65
CA GLY A 48 6.81 -1.95 0.65
C GLY A 48 7.53 -0.63 0.92
N THR A 49 8.81 -0.69 1.21
CA THR A 49 9.57 0.57 1.49
C THR A 49 10.88 0.57 0.71
N GLY A 50 11.43 1.72 0.44
CA GLY A 50 12.72 1.78 -0.32
C GLY A 50 13.07 3.24 -0.62
N VAL A 51 13.98 3.47 -1.52
CA VAL A 51 14.37 4.86 -1.86
C VAL A 51 14.38 5.04 -3.38
N LYS A 52 14.31 6.26 -3.85
CA LYS A 52 14.32 6.50 -5.32
C LYS A 52 15.72 6.28 -5.88
N ARG A 53 15.84 5.65 -7.01
CA ARG A 53 17.18 5.41 -7.62
C ARG A 53 17.87 6.74 -7.92
ZN ZN B . -5.32 1.22 -5.73
N ALA A 19 9.36 -3.97 9.21
CA ALA A 19 9.28 -2.68 8.49
C ALA A 19 7.82 -2.23 8.34
N ILE A 20 7.48 -1.11 8.91
CA ILE A 20 6.08 -0.62 8.81
C ILE A 20 6.07 0.83 8.30
N GLY A 21 5.02 1.23 7.63
CA GLY A 21 4.96 2.63 7.11
C GLY A 21 3.57 2.91 6.54
N THR A 22 3.33 4.12 6.10
CA THR A 22 2.00 4.46 5.52
C THR A 22 2.14 4.86 4.06
N TRP A 23 1.32 4.31 3.20
CA TRP A 23 1.42 4.65 1.76
C TRP A 23 0.01 4.70 1.14
N ASP A 24 -0.14 5.37 0.03
CA ASP A 24 -1.49 5.45 -0.62
C ASP A 24 -1.38 5.11 -2.10
N CYS A 25 -2.42 4.54 -2.66
CA CYS A 25 -2.40 4.19 -4.10
C CYS A 25 -2.81 5.40 -4.93
N ASP A 26 -1.90 5.94 -5.70
CA ASP A 26 -2.25 7.12 -6.54
C ASP A 26 -2.93 6.69 -7.83
N THR A 27 -2.86 5.43 -8.16
CA THR A 27 -3.52 4.95 -9.42
C THR A 27 -5.02 5.18 -9.34
N CYS A 28 -5.62 4.89 -8.21
CA CYS A 28 -7.09 5.09 -8.06
C CYS A 28 -7.39 6.07 -6.91
N LEU A 29 -6.44 6.88 -6.55
CA LEU A 29 -6.67 7.88 -5.45
C LEU A 29 -7.16 7.22 -4.17
N VAL A 30 -6.55 6.16 -3.74
CA VAL A 30 -6.99 5.50 -2.47
C VAL A 30 -5.81 5.35 -1.50
N GLN A 31 -5.99 5.76 -0.28
CA GLN A 31 -4.88 5.64 0.71
C GLN A 31 -5.05 4.37 1.55
N ASN A 32 -4.01 3.59 1.71
CA ASN A 32 -4.14 2.35 2.53
C ASN A 32 -3.21 2.45 3.75
N LYS A 33 -3.75 2.24 4.92
CA LYS A 33 -2.89 2.33 6.14
C LYS A 33 -1.92 1.15 6.18
N PRO A 34 -1.00 1.22 7.10
CA PRO A 34 0.01 0.15 7.25
C PRO A 34 -0.66 -1.21 7.43
N GLU A 35 -1.81 -1.23 8.05
CA GLU A 35 -2.52 -2.53 8.25
C GLU A 35 -2.89 -3.14 6.90
N ALA A 36 -3.17 -2.30 5.94
CA ALA A 36 -3.55 -2.82 4.59
C ALA A 36 -2.38 -3.58 3.96
N VAL A 37 -2.56 -4.08 2.78
CA VAL A 37 -1.47 -4.83 2.09
C VAL A 37 -1.77 -4.87 0.60
N LYS A 38 -3.01 -5.09 0.26
CA LYS A 38 -3.40 -5.12 -1.16
C LYS A 38 -4.61 -4.20 -1.38
N CYS A 39 -4.41 -3.14 -2.11
CA CYS A 39 -5.51 -2.17 -2.36
C CYS A 39 -6.82 -2.87 -2.73
N VAL A 40 -7.90 -2.48 -2.09
CA VAL A 40 -9.23 -3.12 -2.38
C VAL A 40 -9.69 -2.87 -3.82
N ALA A 41 -9.60 -1.65 -4.29
CA ALA A 41 -10.04 -1.36 -5.68
C ALA A 41 -9.16 -2.09 -6.68
N CYS A 42 -7.88 -2.09 -6.42
CA CYS A 42 -6.91 -2.79 -7.31
C CYS A 42 -5.69 -3.23 -6.49
N GLU A 43 -5.84 -4.33 -5.80
CA GLU A 43 -4.74 -4.88 -4.92
C GLU A 43 -3.35 -4.55 -5.46
N THR A 44 -2.78 -3.48 -4.99
CA THR A 44 -1.40 -3.11 -5.45
C THR A 44 -0.41 -4.19 -5.03
N PRO A 45 0.67 -4.26 -5.77
CA PRO A 45 1.73 -5.27 -5.49
C PRO A 45 2.43 -4.97 -4.15
N LYS A 46 2.27 -3.79 -3.63
CA LYS A 46 2.95 -3.45 -2.35
C LYS A 46 4.44 -3.79 -2.45
N PRO A 47 5.11 -3.12 -3.34
CA PRO A 47 6.56 -3.36 -3.55
C PRO A 47 7.35 -3.06 -2.26
N GLY A 48 8.39 -3.82 -2.01
CA GLY A 48 9.20 -3.58 -0.78
C GLY A 48 10.54 -4.30 -0.92
N THR A 49 11.52 -3.93 -0.12
CA THR A 49 12.85 -4.59 -0.21
C THR A 49 12.74 -6.08 0.15
N GLY A 50 12.05 -6.41 1.21
CA GLY A 50 11.91 -7.84 1.60
C GLY A 50 13.03 -8.21 2.58
N VAL A 51 12.96 -9.39 3.15
CA VAL A 51 14.01 -9.82 4.12
C VAL A 51 14.61 -11.16 3.70
N LYS A 52 15.91 -11.27 3.71
CA LYS A 52 16.56 -12.56 3.31
C LYS A 52 17.34 -13.15 4.48
N ARG A 53 17.29 -14.45 4.64
CA ARG A 53 18.04 -15.09 5.78
C ARG A 53 19.54 -15.08 5.49
ZN ZN B . -5.56 1.37 -5.83
N ALA A 19 10.24 8.06 4.17
CA ALA A 19 9.81 6.64 4.16
C ALA A 19 9.02 6.32 5.44
N ILE A 20 7.74 6.13 5.32
CA ILE A 20 6.91 5.81 6.51
C ILE A 20 6.12 4.52 6.27
N GLY A 21 5.65 3.89 7.30
CA GLY A 21 4.89 2.62 7.12
C GLY A 21 3.60 2.91 6.35
N THR A 22 2.98 4.01 6.61
CA THR A 22 1.71 4.35 5.90
C THR A 22 1.98 4.73 4.43
N TRP A 23 1.19 4.23 3.52
CA TRP A 23 1.39 4.57 2.09
C TRP A 23 0.04 4.71 1.38
N ASP A 24 -0.03 5.48 0.34
CA ASP A 24 -1.33 5.66 -0.37
C ASP A 24 -1.24 5.19 -1.83
N CYS A 25 -2.33 4.75 -2.39
CA CYS A 25 -2.31 4.30 -3.81
C CYS A 25 -2.75 5.46 -4.71
N ASP A 26 -1.92 5.87 -5.63
CA ASP A 26 -2.31 7.02 -6.52
C ASP A 26 -2.87 6.50 -7.85
N THR A 27 -2.67 5.24 -8.15
CA THR A 27 -3.20 4.70 -9.43
C THR A 27 -4.71 4.84 -9.46
N CYS A 28 -5.37 4.61 -8.35
CA CYS A 28 -6.85 4.73 -8.33
C CYS A 28 -7.30 5.72 -7.23
N LEU A 29 -6.44 6.60 -6.82
CA LEU A 29 -6.82 7.62 -5.80
C LEU A 29 -7.33 6.97 -4.51
N VAL A 30 -6.68 5.94 -4.03
CA VAL A 30 -7.12 5.28 -2.76
C VAL A 30 -5.96 5.22 -1.77
N GLN A 31 -6.16 5.64 -0.56
CA GLN A 31 -5.06 5.59 0.45
C GLN A 31 -5.24 4.39 1.37
N ASN A 32 -4.16 3.78 1.80
CA ASN A 32 -4.29 2.60 2.71
C ASN A 32 -3.32 2.72 3.87
N LYS A 33 -3.67 2.19 5.01
CA LYS A 33 -2.76 2.27 6.19
C LYS A 33 -1.69 1.18 6.10
N PRO A 34 -0.72 1.27 6.96
CA PRO A 34 0.39 0.29 6.99
C PRO A 34 -0.15 -1.13 7.16
N GLU A 35 -1.21 -1.27 7.89
CA GLU A 35 -1.78 -2.64 8.10
C GLU A 35 -2.28 -3.21 6.78
N ALA A 36 -2.68 -2.36 5.88
CA ALA A 36 -3.19 -2.84 4.56
C ALA A 36 -2.20 -3.84 3.94
N VAL A 37 -2.53 -4.38 2.81
CA VAL A 37 -1.63 -5.34 2.14
C VAL A 37 -1.89 -5.25 0.63
N LYS A 38 -3.13 -5.26 0.25
CA LYS A 38 -3.47 -5.13 -1.18
C LYS A 38 -4.68 -4.22 -1.34
N CYS A 39 -4.51 -3.12 -2.00
CA CYS A 39 -5.62 -2.14 -2.19
C CYS A 39 -6.93 -2.85 -2.60
N VAL A 40 -8.03 -2.41 -2.07
CA VAL A 40 -9.33 -3.05 -2.40
C VAL A 40 -9.74 -2.79 -3.86
N ALA A 41 -9.60 -1.59 -4.33
CA ALA A 41 -10.02 -1.27 -5.72
C ALA A 41 -9.14 -1.96 -6.77
N CYS A 42 -7.87 -2.05 -6.54
CA CYS A 42 -6.99 -2.71 -7.56
C CYS A 42 -5.82 -3.45 -6.90
N GLU A 43 -5.96 -3.80 -5.65
CA GLU A 43 -4.89 -4.54 -4.90
C GLU A 43 -3.48 -4.18 -5.38
N THR A 44 -2.91 -3.14 -4.86
CA THR A 44 -1.53 -2.76 -5.28
C THR A 44 -0.58 -3.93 -5.03
N PRO A 45 0.51 -3.95 -5.74
CA PRO A 45 1.52 -5.03 -5.60
C PRO A 45 2.21 -4.96 -4.23
N LYS A 46 2.03 -3.89 -3.51
CA LYS A 46 2.70 -3.78 -2.18
C LYS A 46 4.22 -3.81 -2.36
N PRO A 47 4.75 -2.74 -2.87
CA PRO A 47 6.21 -2.64 -3.10
C PRO A 47 6.98 -2.94 -1.81
N GLY A 48 6.50 -2.43 -0.71
CA GLY A 48 7.19 -2.67 0.59
C GLY A 48 8.38 -1.73 0.72
N THR A 49 9.14 -1.87 1.76
CA THR A 49 10.33 -0.98 1.95
C THR A 49 11.62 -1.81 1.83
N GLY A 50 12.48 -1.46 0.91
CA GLY A 50 13.74 -2.22 0.73
C GLY A 50 13.61 -3.18 -0.45
N VAL A 51 12.42 -3.43 -0.92
CA VAL A 51 12.24 -4.35 -2.08
C VAL A 51 11.58 -3.62 -3.25
N LYS A 52 12.12 -3.77 -4.43
CA LYS A 52 11.53 -3.08 -5.62
C LYS A 52 10.91 -4.09 -6.58
N ARG A 53 9.82 -3.73 -7.22
CA ARG A 53 9.16 -4.67 -8.17
C ARG A 53 10.16 -5.15 -9.23
ZN ZN B . -5.40 1.18 -5.62
N ALA A 19 8.71 -3.19 8.85
CA ALA A 19 8.27 -1.78 8.95
C ALA A 19 7.54 -1.36 7.66
N ILE A 20 6.29 -1.71 7.54
CA ILE A 20 5.53 -1.34 6.32
C ILE A 20 5.33 0.18 6.25
N GLY A 21 5.12 0.82 7.38
CA GLY A 21 4.91 2.30 7.38
C GLY A 21 3.56 2.62 6.74
N THR A 22 3.38 3.80 6.23
CA THR A 22 2.08 4.16 5.60
C THR A 22 2.28 4.56 4.13
N TRP A 23 1.49 4.01 3.24
CA TRP A 23 1.63 4.36 1.80
C TRP A 23 0.24 4.58 1.19
N ASP A 24 0.16 5.33 0.12
CA ASP A 24 -1.16 5.59 -0.52
C ASP A 24 -1.14 5.18 -2.00
N CYS A 25 -2.27 4.75 -2.52
CA CYS A 25 -2.33 4.33 -3.95
C CYS A 25 -2.77 5.51 -4.83
N ASP A 26 -1.97 5.89 -5.79
CA ASP A 26 -2.37 7.03 -6.66
C ASP A 26 -2.99 6.50 -7.97
N THR A 27 -2.96 5.21 -8.17
CA THR A 27 -3.56 4.63 -9.40
C THR A 27 -5.07 4.91 -9.43
N CYS A 28 -5.72 4.76 -8.30
CA CYS A 28 -7.18 5.01 -8.23
C CYS A 28 -7.53 6.04 -7.14
N LEU A 29 -6.57 6.80 -6.69
CA LEU A 29 -6.84 7.84 -5.64
C LEU A 29 -7.31 7.22 -4.32
N VAL A 30 -6.69 6.15 -3.90
CA VAL A 30 -7.09 5.50 -2.61
C VAL A 30 -5.86 5.35 -1.71
N GLN A 31 -6.00 5.69 -0.45
CA GLN A 31 -4.84 5.57 0.49
C GLN A 31 -4.93 4.26 1.29
N ASN A 32 -3.81 3.66 1.59
CA ASN A 32 -3.83 2.38 2.37
C ASN A 32 -3.01 2.52 3.65
N LYS A 33 -3.58 2.12 4.76
CA LYS A 33 -2.83 2.22 6.04
C LYS A 33 -1.81 1.08 6.15
N PRO A 34 -0.96 1.20 7.12
CA PRO A 34 0.09 0.17 7.34
C PRO A 34 -0.57 -1.22 7.45
N GLU A 35 -1.74 -1.28 8.02
CA GLU A 35 -2.43 -2.61 8.15
C GLU A 35 -2.78 -3.14 6.76
N ALA A 36 -3.22 -2.29 5.87
CA ALA A 36 -3.57 -2.77 4.51
C ALA A 36 -2.39 -3.52 3.89
N VAL A 37 -2.53 -3.99 2.68
CA VAL A 37 -1.43 -4.74 2.01
C VAL A 37 -1.65 -4.68 0.50
N LYS A 38 -2.87 -4.90 0.10
CA LYS A 38 -3.20 -4.81 -1.35
C LYS A 38 -4.49 -4.01 -1.51
N CYS A 39 -4.40 -2.89 -2.16
CA CYS A 39 -5.60 -2.02 -2.34
C CYS A 39 -6.84 -2.82 -2.77
N VAL A 40 -7.95 -2.59 -2.10
CA VAL A 40 -9.21 -3.33 -2.42
C VAL A 40 -9.68 -3.03 -3.85
N ALA A 41 -9.69 -1.77 -4.23
CA ALA A 41 -10.15 -1.43 -5.60
C ALA A 41 -9.21 -2.08 -6.63
N CYS A 42 -7.95 -2.10 -6.32
CA CYS A 42 -6.96 -2.72 -7.24
C CYS A 42 -5.74 -3.20 -6.42
N GLU A 43 -5.84 -4.37 -5.86
CA GLU A 43 -4.77 -4.96 -4.99
C GLU A 43 -3.36 -4.54 -5.43
N THR A 44 -2.87 -3.44 -4.94
CA THR A 44 -1.49 -3.01 -5.33
C THR A 44 -0.47 -3.99 -4.74
N PRO A 45 0.61 -4.17 -5.46
CA PRO A 45 1.69 -5.09 -5.00
C PRO A 45 2.49 -4.47 -3.85
N LYS A 46 2.26 -3.22 -3.55
CA LYS A 46 3.01 -2.56 -2.43
C LYS A 46 4.50 -2.44 -2.79
N PRO A 47 4.76 -1.61 -3.77
CA PRO A 47 6.17 -1.38 -4.22
C PRO A 47 6.96 -0.64 -3.15
N GLY A 48 8.25 -0.83 -3.10
CA GLY A 48 9.08 -0.12 -2.08
C GLY A 48 9.45 1.26 -2.61
N THR A 49 10.24 2.02 -1.88
CA THR A 49 10.61 3.38 -2.35
C THR A 49 12.12 3.48 -2.60
N GLY A 50 12.50 3.87 -3.79
CA GLY A 50 13.96 4.00 -4.10
C GLY A 50 14.39 5.45 -3.87
N VAL A 51 15.65 5.73 -3.96
CA VAL A 51 16.13 7.13 -3.76
C VAL A 51 16.86 7.60 -5.03
N LYS A 52 16.57 8.79 -5.48
CA LYS A 52 17.23 9.30 -6.71
C LYS A 52 18.75 9.41 -6.50
N ARG A 53 19.51 8.90 -7.42
CA ARG A 53 20.99 8.98 -7.29
C ARG A 53 21.58 9.87 -8.38
ZN ZN B . -5.74 1.52 -5.62
N ALA A 19 10.23 5.52 9.52
CA ALA A 19 9.57 4.20 9.33
C ALA A 19 8.05 4.35 9.46
N ILE A 20 7.47 5.25 8.72
CA ILE A 20 5.99 5.45 8.81
C ILE A 20 5.24 4.19 8.37
N GLY A 21 5.67 3.60 7.29
CA GLY A 21 4.97 2.36 6.80
C GLY A 21 3.61 2.74 6.23
N THR A 22 3.42 3.98 5.87
CA THR A 22 2.10 4.40 5.30
C THR A 22 2.27 4.82 3.84
N TRP A 23 1.41 4.35 2.98
CA TRP A 23 1.53 4.70 1.54
C TRP A 23 0.14 4.90 0.92
N ASP A 24 0.05 5.71 -0.09
CA ASP A 24 -1.26 5.94 -0.76
C ASP A 24 -1.19 5.49 -2.22
N CYS A 25 -2.26 4.92 -2.71
CA CYS A 25 -2.26 4.46 -4.12
C CYS A 25 -2.73 5.60 -5.04
N ASP A 26 -1.85 6.10 -5.86
CA ASP A 26 -2.26 7.21 -6.78
C ASP A 26 -2.92 6.64 -8.04
N THR A 27 -2.86 5.34 -8.22
CA THR A 27 -3.48 4.71 -9.42
C THR A 27 -5.00 4.91 -9.38
N CYS A 28 -5.61 4.71 -8.25
CA CYS A 28 -7.09 4.87 -8.16
C CYS A 28 -7.48 5.83 -7.03
N LEU A 29 -6.63 6.77 -6.71
CA LEU A 29 -6.95 7.77 -5.65
C LEU A 29 -7.36 7.09 -4.33
N VAL A 30 -6.68 6.06 -3.93
CA VAL A 30 -7.05 5.38 -2.64
C VAL A 30 -5.85 5.29 -1.70
N GLN A 31 -6.04 5.62 -0.45
CA GLN A 31 -4.92 5.56 0.53
C GLN A 31 -5.04 4.32 1.41
N ASN A 32 -3.94 3.68 1.75
CA ASN A 32 -4.03 2.47 2.62
C ASN A 32 -3.05 2.58 3.79
N LYS A 33 -3.48 2.26 4.97
CA LYS A 33 -2.59 2.34 6.16
C LYS A 33 -1.58 1.19 6.13
N PRO A 34 -0.62 1.27 7.00
CA PRO A 34 0.43 0.21 7.08
C PRO A 34 -0.21 -1.16 7.30
N GLU A 35 -1.29 -1.21 8.02
CA GLU A 35 -1.96 -2.53 8.27
C GLU A 35 -2.46 -3.10 6.95
N ALA A 36 -2.87 -2.25 6.05
CA ALA A 36 -3.37 -2.74 4.73
C ALA A 36 -2.34 -3.70 4.12
N VAL A 37 -2.64 -4.24 2.97
CA VAL A 37 -1.69 -5.19 2.32
C VAL A 37 -1.95 -5.20 0.83
N LYS A 38 -3.20 -5.22 0.45
CA LYS A 38 -3.54 -5.21 -0.99
C LYS A 38 -4.71 -4.25 -1.23
N CYS A 39 -4.46 -3.21 -1.97
CA CYS A 39 -5.53 -2.20 -2.24
C CYS A 39 -6.85 -2.87 -2.63
N VAL A 40 -7.93 -2.45 -2.03
CA VAL A 40 -9.26 -3.06 -2.35
C VAL A 40 -9.67 -2.78 -3.80
N ALA A 41 -9.53 -1.55 -4.25
CA ALA A 41 -9.92 -1.23 -5.66
C ALA A 41 -9.04 -2.00 -6.64
N CYS A 42 -7.76 -1.98 -6.39
CA CYS A 42 -6.80 -2.71 -7.26
C CYS A 42 -5.61 -3.18 -6.42
N GLU A 43 -5.82 -4.26 -5.68
CA GLU A 43 -4.75 -4.83 -4.79
C GLU A 43 -3.35 -4.53 -5.32
N THR A 44 -2.76 -3.46 -4.87
CA THR A 44 -1.39 -3.12 -5.33
C THR A 44 -0.46 -4.31 -5.14
N PRO A 45 0.57 -4.34 -5.94
CA PRO A 45 1.57 -5.44 -5.86
C PRO A 45 2.63 -5.13 -4.80
N LYS A 46 2.32 -4.30 -3.84
CA LYS A 46 3.34 -3.96 -2.80
C LYS A 46 2.73 -4.07 -1.40
N PRO A 47 2.91 -5.22 -0.81
CA PRO A 47 2.38 -5.45 0.56
C PRO A 47 3.03 -4.46 1.54
N GLY A 48 2.30 -4.00 2.52
CA GLY A 48 2.88 -3.04 3.48
C GLY A 48 3.36 -3.77 4.74
N THR A 49 4.09 -3.10 5.59
CA THR A 49 4.57 -3.75 6.83
C THR A 49 4.12 -2.94 8.06
N GLY A 50 3.54 -3.58 9.03
CA GLY A 50 3.08 -2.85 10.24
C GLY A 50 4.26 -2.60 11.18
N VAL A 51 4.07 -1.82 12.20
CA VAL A 51 5.17 -1.55 13.16
C VAL A 51 4.73 -1.91 14.58
N LYS A 52 5.53 -2.66 15.29
CA LYS A 52 5.15 -3.03 16.68
C LYS A 52 5.04 -1.78 17.55
N ARG A 53 5.95 -0.87 17.40
CA ARG A 53 5.92 0.38 18.20
C ARG A 53 5.58 1.59 17.31
ZN ZN B . -5.44 1.39 -5.71
N ALA A 19 1.99 12.20 6.66
CA ALA A 19 1.85 10.71 6.60
C ALA A 19 3.24 10.06 6.64
N ILE A 20 3.62 9.53 7.77
CA ILE A 20 4.96 8.88 7.87
C ILE A 20 4.79 7.38 8.18
N GLY A 21 5.44 6.54 7.42
CA GLY A 21 5.33 5.07 7.66
C GLY A 21 4.03 4.55 7.05
N THR A 22 3.44 5.29 6.13
CA THR A 22 2.18 4.82 5.50
C THR A 22 2.27 4.98 3.98
N TRP A 23 1.40 4.33 3.25
CA TRP A 23 1.45 4.46 1.76
C TRP A 23 0.03 4.52 1.18
N ASP A 24 -0.11 5.09 0.00
CA ASP A 24 -1.46 5.19 -0.62
C ASP A 24 -1.37 4.90 -2.13
N CYS A 25 -2.43 4.45 -2.72
CA CYS A 25 -2.41 4.15 -4.19
C CYS A 25 -2.79 5.40 -4.99
N ASP A 26 -1.87 5.93 -5.75
CA ASP A 26 -2.18 7.15 -6.55
C ASP A 26 -2.93 6.76 -7.84
N THR A 27 -2.85 5.53 -8.24
CA THR A 27 -3.54 5.10 -9.49
C THR A 27 -5.05 5.29 -9.36
N CYS A 28 -5.62 4.92 -8.26
CA CYS A 28 -7.11 5.08 -8.10
C CYS A 28 -7.42 6.01 -6.91
N LEU A 29 -6.53 6.90 -6.58
CA LEU A 29 -6.77 7.85 -5.46
C LEU A 29 -7.29 7.13 -4.21
N VAL A 30 -6.55 6.16 -3.73
CA VAL A 30 -6.99 5.43 -2.51
C VAL A 30 -5.84 5.36 -1.49
N GLN A 31 -6.11 5.66 -0.26
CA GLN A 31 -5.04 5.62 0.77
C GLN A 31 -5.13 4.33 1.59
N ASN A 32 -4.04 3.65 1.79
CA ASN A 32 -4.09 2.39 2.60
C ASN A 32 -3.04 2.43 3.71
N LYS A 33 -3.45 2.37 4.94
CA LYS A 33 -2.47 2.41 6.07
C LYS A 33 -1.62 1.14 6.07
N PRO A 34 -0.65 1.13 6.96
CA PRO A 34 0.25 -0.04 7.09
C PRO A 34 -0.56 -1.31 7.35
N GLU A 35 -1.68 -1.18 8.00
CA GLU A 35 -2.52 -2.39 8.28
C GLU A 35 -2.98 -3.02 6.96
N ALA A 36 -3.29 -2.21 5.99
CA ALA A 36 -3.75 -2.76 4.69
C ALA A 36 -2.72 -3.76 4.14
N VAL A 37 -2.92 -4.25 2.95
CA VAL A 37 -1.96 -5.23 2.37
C VAL A 37 -2.08 -5.17 0.86
N LYS A 38 -3.29 -5.17 0.38
CA LYS A 38 -3.51 -5.09 -1.08
C LYS A 38 -4.72 -4.20 -1.35
N CYS A 39 -4.52 -3.15 -2.09
CA CYS A 39 -5.63 -2.20 -2.38
C CYS A 39 -6.90 -2.94 -2.81
N VAL A 40 -8.01 -2.63 -2.21
CA VAL A 40 -9.30 -3.31 -2.55
C VAL A 40 -9.72 -3.05 -3.99
N ALA A 41 -9.67 -1.81 -4.43
CA ALA A 41 -10.09 -1.51 -5.83
C ALA A 41 -9.13 -2.20 -6.81
N CYS A 42 -7.87 -2.16 -6.51
CA CYS A 42 -6.86 -2.81 -7.39
C CYS A 42 -5.64 -3.20 -6.53
N GLU A 43 -5.76 -4.31 -5.85
CA GLU A 43 -4.67 -4.81 -4.95
C GLU A 43 -3.28 -4.40 -5.43
N THR A 44 -2.78 -3.30 -4.95
CA THR A 44 -1.42 -2.85 -5.35
C THR A 44 -0.41 -3.98 -5.09
N PRO A 45 0.69 -3.91 -5.79
CA PRO A 45 1.75 -4.93 -5.63
C PRO A 45 2.58 -4.70 -4.36
N LYS A 46 2.21 -3.74 -3.55
CA LYS A 46 2.98 -3.48 -2.30
C LYS A 46 2.45 -4.34 -1.15
N PRO A 47 3.28 -5.24 -0.67
CA PRO A 47 2.88 -6.12 0.45
C PRO A 47 2.56 -5.29 1.70
N GLY A 48 1.62 -5.71 2.49
CA GLY A 48 1.28 -4.94 3.72
C GLY A 48 2.46 -4.95 4.68
N THR A 49 2.49 -4.02 5.60
CA THR A 49 3.62 -3.96 6.56
C THR A 49 3.10 -3.77 8.00
N GLY A 50 3.90 -4.10 8.98
CA GLY A 50 3.45 -3.93 10.39
C GLY A 50 2.57 -5.11 10.80
N VAL A 51 2.60 -6.19 10.08
CA VAL A 51 1.76 -7.37 10.44
C VAL A 51 2.63 -8.62 10.61
N LYS A 52 2.45 -9.33 11.68
CA LYS A 52 3.26 -10.56 11.90
C LYS A 52 2.67 -11.73 11.11
N ARG A 53 3.49 -12.61 10.62
CA ARG A 53 2.95 -13.78 9.85
C ARG A 53 3.23 -15.09 10.60
ZN ZN B . -5.53 1.33 -5.85
N ALA A 19 10.26 -0.10 11.22
CA ALA A 19 9.74 1.28 11.03
C ALA A 19 9.18 1.44 9.60
N ILE A 20 7.92 1.16 9.43
CA ILE A 20 7.32 1.30 8.07
C ILE A 20 6.39 2.52 8.03
N GLY A 21 6.60 3.40 7.09
CA GLY A 21 5.73 4.62 7.01
C GLY A 21 4.40 4.24 6.33
N THR A 22 3.46 5.14 6.31
CA THR A 22 2.15 4.83 5.67
C THR A 22 2.25 5.01 4.16
N TRP A 23 1.34 4.46 3.42
CA TRP A 23 1.40 4.60 1.93
C TRP A 23 -0.01 4.66 1.33
N ASP A 24 -0.14 5.27 0.18
CA ASP A 24 -1.48 5.35 -0.47
C ASP A 24 -1.36 5.04 -1.96
N CYS A 25 -2.38 4.47 -2.55
CA CYS A 25 -2.30 4.14 -4.00
C CYS A 25 -2.75 5.34 -4.84
N ASP A 26 -1.88 5.83 -5.69
CA ASP A 26 -2.26 7.02 -6.52
C ASP A 26 -2.78 6.57 -7.90
N THR A 27 -2.72 5.30 -8.19
CA THR A 27 -3.21 4.83 -9.52
C THR A 27 -4.74 4.83 -9.53
N CYS A 28 -5.36 4.80 -8.37
CA CYS A 28 -6.84 4.80 -8.32
C CYS A 28 -7.34 5.67 -7.15
N LEU A 29 -6.51 6.57 -6.68
CA LEU A 29 -6.93 7.47 -5.56
C LEU A 29 -7.42 6.67 -4.34
N VAL A 30 -6.60 5.82 -3.81
CA VAL A 30 -7.00 5.02 -2.61
C VAL A 30 -5.91 5.09 -1.53
N GLN A 31 -6.27 5.28 -0.30
CA GLN A 31 -5.25 5.36 0.79
C GLN A 31 -5.22 4.06 1.59
N ASN A 32 -4.06 3.53 1.86
CA ASN A 32 -3.98 2.26 2.65
C ASN A 32 -2.90 2.36 3.73
N LYS A 33 -3.29 2.30 4.97
CA LYS A 33 -2.29 2.39 6.08
C LYS A 33 -1.41 1.14 6.11
N PRO A 34 -0.45 1.15 7.00
CA PRO A 34 0.47 0.01 7.15
C PRO A 34 -0.31 -1.29 7.36
N GLU A 35 -1.45 -1.21 8.00
CA GLU A 35 -2.25 -2.44 8.25
C GLU A 35 -2.75 -3.03 6.92
N ALA A 36 -3.06 -2.21 5.96
CA ALA A 36 -3.54 -2.74 4.65
C ALA A 36 -2.48 -3.63 4.02
N VAL A 37 -2.79 -4.22 2.88
CA VAL A 37 -1.79 -5.10 2.20
C VAL A 37 -2.13 -5.18 0.72
N LYS A 38 -3.39 -5.34 0.40
CA LYS A 38 -3.80 -5.40 -1.03
C LYS A 38 -4.93 -4.40 -1.28
N CYS A 39 -4.62 -3.34 -1.95
CA CYS A 39 -5.65 -2.28 -2.25
C CYS A 39 -6.95 -2.91 -2.74
N VAL A 40 -8.06 -2.45 -2.22
CA VAL A 40 -9.38 -3.01 -2.64
C VAL A 40 -9.71 -2.62 -4.09
N ALA A 41 -9.46 -1.39 -4.46
CA ALA A 41 -9.79 -0.94 -5.84
C ALA A 41 -9.00 -1.69 -6.91
N CYS A 42 -7.76 -2.00 -6.65
CA CYS A 42 -6.95 -2.73 -7.68
C CYS A 42 -5.80 -3.50 -7.03
N GLU A 43 -5.95 -3.85 -5.78
CA GLU A 43 -4.88 -4.62 -5.05
C GLU A 43 -3.47 -4.22 -5.50
N THR A 44 -2.87 -3.29 -4.81
CA THR A 44 -1.49 -2.85 -5.19
C THR A 44 -0.50 -4.00 -5.00
N PRO A 45 0.49 -4.03 -5.86
CA PRO A 45 1.52 -5.09 -5.79
C PRO A 45 2.56 -4.75 -4.71
N LYS A 46 2.14 -4.30 -3.56
CA LYS A 46 3.13 -3.98 -2.49
C LYS A 46 4.14 -5.11 -2.31
N PRO A 47 3.65 -6.28 -2.02
CA PRO A 47 4.54 -7.45 -1.84
C PRO A 47 5.22 -7.83 -3.15
N GLY A 48 6.37 -8.46 -3.09
CA GLY A 48 7.07 -8.84 -4.34
C GLY A 48 7.91 -7.67 -4.85
N THR A 49 8.20 -6.71 -4.01
CA THR A 49 9.02 -5.55 -4.47
C THR A 49 10.42 -6.03 -4.88
N GLY A 50 11.02 -6.88 -4.11
CA GLY A 50 12.38 -7.38 -4.45
C GLY A 50 12.80 -8.45 -3.43
N VAL A 51 14.03 -8.88 -3.50
CA VAL A 51 14.50 -9.92 -2.54
C VAL A 51 14.45 -9.38 -1.11
N LYS A 52 14.83 -8.15 -0.91
CA LYS A 52 14.80 -7.57 0.46
C LYS A 52 13.35 -7.42 0.93
N ARG A 53 13.05 -7.87 2.12
CA ARG A 53 11.66 -7.75 2.62
C ARG A 53 11.51 -6.51 3.52
ZN ZN B . -5.24 1.06 -5.76
#